data_3BTJ
#
_entry.id   3BTJ
#
_cell.length_a   171.900
_cell.length_b   171.900
_cell.length_c   94.500
_cell.angle_alpha   90.00
_cell.angle_beta   90.00
_cell.angle_gamma   90.00
#
_symmetry.space_group_name_H-M   'P 42 21 2'
#
loop_
_entity.id
_entity.type
_entity.pdbx_description
1 polymer 'HTH-type transcriptional regulator qacR'
2 non-polymer 'SULFATE ION'
3 non-polymer DEQUALINIUM
4 water water
#
_entity_poly.entity_id   1
_entity_poly.type   'polypeptide(L)'
_entity_poly.pdbx_seq_one_letter_code
;MNLKDKILGVAKELFIKNGYNATTTGEIVKLSESSKGNLYYHFKTKENLFLEILNIEQSKWQEQWKKEQIKAKTNREKFY
LYNELSLTTEYYYPLQNAIIEFYTEYYKTNSINEKMNKLENKYIDAYHVIFKEGNLNGEWSINDVNAVSKIAANAVNGIV
TFTHEQNINERIKLMNKFSQIFLNGLSK
;
_entity_poly.pdbx_strand_id   B,D,A,E
#
loop_
_chem_comp.id
_chem_comp.type
_chem_comp.name
_chem_comp.formula
DEQ non-polymer DEQUALINIUM 'C30 H40 N4 2'
SO4 non-polymer 'SULFATE ION' 'O4 S -2'
#
# COMPACT_ATOMS: atom_id res chain seq x y z
N ASN A 2 -23.34 -29.44 37.01
CA ASN A 2 -22.96 -30.64 36.18
C ASN A 2 -21.62 -30.35 35.50
N LEU A 3 -20.67 -31.27 35.62
CA LEU A 3 -19.36 -31.08 35.01
C LEU A 3 -19.39 -31.38 33.51
N LYS A 4 -20.00 -32.51 33.15
CA LYS A 4 -20.12 -32.91 31.76
C LYS A 4 -20.88 -31.82 31.00
N ASP A 5 -21.87 -31.22 31.67
CA ASP A 5 -22.66 -30.15 31.06
C ASP A 5 -22.16 -28.78 31.52
N LYS A 6 -20.89 -28.71 31.91
CA LYS A 6 -20.29 -27.45 32.34
C LYS A 6 -19.33 -27.03 31.26
N ILE A 7 -18.60 -28.02 30.74
CA ILE A 7 -17.65 -27.79 29.67
C ILE A 7 -18.47 -27.20 28.55
N LEU A 8 -19.46 -27.96 28.11
CA LEU A 8 -20.36 -27.55 27.04
C LEU A 8 -20.79 -26.10 27.21
N GLY A 9 -20.99 -25.68 28.47
CA GLY A 9 -21.40 -24.32 28.72
C GLY A 9 -20.34 -23.30 28.42
N VAL A 10 -19.17 -23.47 29.03
CA VAL A 10 -18.07 -22.54 28.82
C VAL A 10 -17.67 -22.55 27.37
N ALA A 11 -17.69 -23.73 26.77
CA ALA A 11 -17.33 -23.90 25.36
C ALA A 11 -18.20 -23.01 24.46
N LYS A 12 -19.47 -23.36 24.34
CA LYS A 12 -20.40 -22.58 23.53
C LYS A 12 -20.17 -21.08 23.74
N GLU A 13 -19.98 -20.70 25.00
CA GLU A 13 -19.77 -19.30 25.40
C GLU A 13 -18.58 -18.65 24.70
N LEU A 14 -17.45 -19.34 24.76
CA LEU A 14 -16.22 -18.85 24.16
C LEU A 14 -16.24 -18.98 22.63
N PHE A 15 -16.76 -20.10 22.12
CA PHE A 15 -16.82 -20.30 20.69
C PHE A 15 -17.60 -19.16 20.06
N ILE A 16 -18.49 -18.54 20.82
CA ILE A 16 -19.28 -17.43 20.29
C ILE A 16 -18.53 -16.11 20.43
N LYS A 17 -18.04 -15.79 21.63
CA LYS A 17 -17.31 -14.54 21.83
C LYS A 17 -16.09 -14.50 20.91
N ASN A 18 -15.30 -15.57 20.93
CA ASN A 18 -14.11 -15.68 20.12
C ASN A 18 -14.38 -16.63 18.96
N GLY A 19 -13.38 -16.91 18.14
CA GLY A 19 -13.59 -17.81 17.03
C GLY A 19 -13.43 -19.26 17.46
N TYR A 20 -13.26 -20.16 16.50
CA TYR A 20 -13.06 -21.57 16.81
C TYR A 20 -11.68 -21.71 17.44
N ASN A 21 -10.69 -21.09 16.80
CA ASN A 21 -9.32 -21.15 17.28
C ASN A 21 -9.11 -20.27 18.49
N ALA A 22 -9.54 -19.02 18.38
CA ALA A 22 -9.40 -18.06 19.47
C ALA A 22 -9.68 -18.70 20.83
N THR A 23 -10.72 -19.53 20.91
CA THR A 23 -11.04 -20.20 22.17
C THR A 23 -10.31 -21.54 22.20
N THR A 24 -9.64 -21.81 23.30
CA THR A 24 -8.86 -23.04 23.43
C THR A 24 -9.22 -23.89 24.63
N THR A 25 -8.91 -25.19 24.55
CA THR A 25 -9.18 -26.15 25.63
C THR A 25 -8.69 -25.61 26.96
N GLY A 26 -7.53 -24.97 26.95
CA GLY A 26 -7.00 -24.41 28.17
C GLY A 26 -8.00 -23.47 28.82
N GLU A 27 -8.49 -22.49 28.05
CA GLU A 27 -9.44 -21.52 28.56
C GLU A 27 -10.70 -22.14 29.18
N ILE A 28 -11.20 -23.20 28.57
CA ILE A 28 -12.39 -23.88 29.08
C ILE A 28 -12.08 -24.50 30.44
N VAL A 29 -10.94 -25.18 30.50
CA VAL A 29 -10.50 -25.83 31.72
C VAL A 29 -10.33 -24.87 32.88
N LYS A 30 -9.89 -23.64 32.60
CA LYS A 30 -9.69 -22.67 33.68
C LYS A 30 -10.99 -22.04 34.17
N LEU A 31 -12.03 -22.07 33.34
CA LEU A 31 -13.31 -21.49 33.73
C LEU A 31 -14.32 -22.59 34.06
N SER A 32 -13.96 -23.83 33.71
CA SER A 32 -14.83 -24.97 33.98
C SER A 32 -14.17 -25.98 34.90
N GLU A 33 -12.89 -25.76 35.21
CA GLU A 33 -12.12 -26.64 36.08
C GLU A 33 -12.24 -28.11 35.69
N SER A 34 -11.29 -28.60 34.89
CA SER A 34 -11.28 -30.00 34.43
C SER A 34 -10.00 -30.36 33.69
N SER A 35 -9.24 -31.29 34.27
CA SER A 35 -7.99 -31.72 33.66
C SER A 35 -8.23 -32.36 32.30
N LYS A 36 -7.20 -33.03 31.79
CA LYS A 36 -7.28 -33.69 30.50
C LYS A 36 -8.36 -34.77 30.54
N GLY A 37 -8.32 -35.61 31.57
CA GLY A 37 -9.27 -36.70 31.71
C GLY A 37 -10.69 -36.37 31.29
N ASN A 38 -11.32 -35.44 32.00
CA ASN A 38 -12.69 -35.02 31.72
C ASN A 38 -12.98 -35.13 30.24
N LEU A 39 -12.11 -34.50 29.46
CA LEU A 39 -12.24 -34.49 28.02
C LEU A 39 -11.66 -35.76 27.41
N TYR A 40 -12.46 -36.82 27.34
CA TYR A 40 -11.99 -38.07 26.74
C TYR A 40 -13.03 -39.17 26.55
N TYR A 41 -13.94 -39.36 27.51
CA TYR A 41 -14.96 -40.41 27.38
C TYR A 41 -16.05 -39.97 26.40
N HIS A 42 -16.65 -38.82 26.66
CA HIS A 42 -17.69 -38.27 25.82
C HIS A 42 -17.13 -37.03 25.10
N PHE A 43 -15.94 -36.61 25.51
CA PHE A 43 -15.28 -35.44 24.92
C PHE A 43 -13.86 -35.75 24.44
N LYS A 44 -13.74 -36.48 23.33
CA LYS A 44 -12.42 -36.81 22.78
C LYS A 44 -11.62 -35.55 22.41
N THR A 45 -11.55 -35.26 21.11
CA THR A 45 -10.81 -34.11 20.58
C THR A 45 -11.54 -32.78 20.82
N LYS A 46 -10.98 -31.69 20.27
CA LYS A 46 -11.59 -30.37 20.41
C LYS A 46 -12.73 -30.30 19.39
N GLU A 47 -12.45 -30.73 18.16
CA GLU A 47 -13.46 -30.72 17.12
C GLU A 47 -14.59 -31.65 17.51
N ASN A 48 -14.40 -32.37 18.60
CA ASN A 48 -15.41 -33.28 19.11
C ASN A 48 -16.34 -32.43 19.97
N LEU A 49 -15.76 -31.76 20.96
CA LEU A 49 -16.53 -30.89 21.86
C LEU A 49 -17.27 -29.84 21.04
N PHE A 50 -16.77 -29.56 19.84
CA PHE A 50 -17.40 -28.58 18.98
C PHE A 50 -18.59 -29.23 18.30
N LEU A 51 -18.33 -30.24 17.46
CA LEU A 51 -19.40 -30.94 16.76
C LEU A 51 -20.53 -31.29 17.72
N GLU A 52 -20.18 -31.39 19.00
CA GLU A 52 -21.17 -31.69 20.03
C GLU A 52 -22.07 -30.47 20.08
N ILE A 53 -21.55 -29.40 20.69
CA ILE A 53 -22.29 -28.14 20.83
C ILE A 53 -23.19 -27.88 19.63
N LEU A 54 -22.64 -28.06 18.44
CA LEU A 54 -23.42 -27.83 17.24
C LEU A 54 -24.71 -28.61 17.25
N ASN A 55 -24.63 -29.91 17.48
CA ASN A 55 -25.82 -30.75 17.50
C ASN A 55 -26.82 -30.25 18.56
N ILE A 56 -26.35 -30.02 19.77
CA ILE A 56 -27.20 -29.53 20.85
C ILE A 56 -28.00 -28.33 20.33
N GLU A 57 -27.27 -27.29 19.93
CA GLU A 57 -27.88 -26.07 19.41
C GLU A 57 -28.83 -26.34 18.25
N GLN A 58 -28.42 -27.20 17.32
CA GLN A 58 -29.26 -27.54 16.18
C GLN A 58 -30.61 -28.03 16.67
N SER A 59 -30.59 -28.88 17.71
CA SER A 59 -31.81 -29.43 18.28
C SER A 59 -32.58 -28.36 19.03
N LYS A 60 -31.85 -27.55 19.80
CA LYS A 60 -32.49 -26.47 20.53
C LYS A 60 -33.27 -25.61 19.54
N TRP A 61 -32.66 -25.32 18.39
CA TRP A 61 -33.30 -24.52 17.36
C TRP A 61 -34.48 -25.25 16.74
N GLN A 62 -34.25 -26.46 16.23
CA GLN A 62 -35.31 -27.25 15.61
C GLN A 62 -36.54 -27.36 16.52
N GLU A 63 -36.29 -27.51 17.82
CA GLU A 63 -37.36 -27.62 18.79
C GLU A 63 -38.14 -26.31 18.85
N GLN A 64 -37.44 -25.23 19.18
CA GLN A 64 -38.04 -23.89 19.24
C GLN A 64 -38.89 -23.61 18.00
N TRP A 65 -38.33 -23.93 16.84
CA TRP A 65 -39.02 -23.72 15.58
C TRP A 65 -40.39 -24.40 15.54
N LYS A 66 -40.42 -25.67 15.93
CA LYS A 66 -41.67 -26.43 15.93
C LYS A 66 -42.63 -25.97 17.02
N LYS A 67 -42.10 -25.48 18.13
CA LYS A 67 -42.96 -24.98 19.18
C LYS A 67 -43.46 -23.57 18.83
N GLU A 68 -43.00 -23.02 17.70
CA GLU A 68 -43.42 -21.67 17.31
C GLU A 68 -44.04 -21.59 15.92
N GLN A 69 -43.79 -22.60 15.09
CA GLN A 69 -44.31 -22.57 13.72
C GLN A 69 -45.82 -22.56 13.65
N ILE A 70 -46.47 -22.74 14.80
CA ILE A 70 -47.93 -22.77 14.86
C ILE A 70 -48.48 -21.40 14.46
N LYS A 71 -47.79 -20.34 14.87
CA LYS A 71 -48.22 -19.00 14.52
C LYS A 71 -48.32 -18.83 13.00
N ALA A 72 -47.96 -19.85 12.25
CA ALA A 72 -48.01 -19.80 10.79
C ALA A 72 -48.94 -20.89 10.25
N LYS A 73 -50.03 -20.46 9.62
CA LYS A 73 -51.05 -21.37 9.09
C LYS A 73 -50.69 -22.04 7.78
N THR A 74 -50.23 -21.27 6.80
CA THR A 74 -49.85 -21.84 5.51
C THR A 74 -48.35 -22.01 5.45
N ASN A 75 -47.90 -22.95 4.62
CA ASN A 75 -46.47 -23.19 4.48
C ASN A 75 -45.77 -21.95 3.95
N ARG A 76 -46.46 -21.16 3.12
CA ARG A 76 -45.87 -19.93 2.61
C ARG A 76 -45.52 -19.06 3.81
N GLU A 77 -46.40 -19.05 4.80
CA GLU A 77 -46.15 -18.28 6.00
C GLU A 77 -45.07 -18.96 6.82
N LYS A 78 -45.03 -20.28 6.81
CA LYS A 78 -44.00 -21.00 7.56
C LYS A 78 -42.63 -20.63 7.03
N PHE A 79 -42.48 -20.56 5.70
CA PHE A 79 -41.20 -20.19 5.09
C PHE A 79 -40.79 -18.83 5.66
N TYR A 80 -41.59 -17.81 5.39
CA TYR A 80 -41.36 -16.44 5.87
C TYR A 80 -40.91 -16.36 7.33
N LEU A 81 -41.66 -17.04 8.20
CA LEU A 81 -41.41 -17.05 9.65
C LEU A 81 -40.05 -17.60 10.01
N TYR A 82 -39.80 -18.85 9.60
CA TYR A 82 -38.53 -19.54 9.87
C TYR A 82 -37.36 -18.60 9.59
N ASN A 83 -37.37 -18.01 8.40
CA ASN A 83 -36.33 -17.09 8.01
C ASN A 83 -36.24 -15.93 9.02
N GLU A 84 -37.38 -15.31 9.32
CA GLU A 84 -37.40 -14.20 10.29
C GLU A 84 -36.88 -14.65 11.66
N LEU A 85 -37.36 -15.81 12.12
CA LEU A 85 -36.91 -16.32 13.40
C LEU A 85 -35.41 -16.55 13.32
N SER A 86 -34.97 -17.06 12.18
CA SER A 86 -33.56 -17.33 11.95
C SER A 86 -32.68 -16.15 12.35
N LEU A 87 -33.24 -14.95 12.30
CA LEU A 87 -32.51 -13.75 12.66
C LEU A 87 -32.57 -13.42 14.14
N THR A 88 -33.67 -13.79 14.80
CA THR A 88 -33.85 -13.46 16.21
C THR A 88 -33.34 -14.48 17.22
N THR A 89 -33.41 -15.76 16.87
CA THR A 89 -32.97 -16.86 17.72
C THR A 89 -31.68 -16.62 18.49
N GLU A 90 -31.40 -17.51 19.42
CA GLU A 90 -30.18 -17.44 20.21
C GLU A 90 -29.53 -18.80 20.03
N TYR A 91 -30.14 -19.61 19.17
CA TYR A 91 -29.64 -20.95 18.94
C TYR A 91 -28.99 -21.16 17.59
N TYR A 92 -27.97 -22.00 17.59
CA TYR A 92 -27.23 -22.39 16.39
C TYR A 92 -26.69 -21.31 15.45
N TYR A 93 -27.51 -20.38 14.99
CA TYR A 93 -27.03 -19.35 14.08
C TYR A 93 -25.88 -18.50 14.66
N PRO A 94 -25.89 -18.24 15.97
CA PRO A 94 -24.81 -17.44 16.55
C PRO A 94 -23.46 -18.14 16.52
N LEU A 95 -23.42 -19.33 15.95
CA LEU A 95 -22.15 -20.08 15.87
C LEU A 95 -21.69 -20.26 14.43
N GLN A 96 -22.33 -19.57 13.50
CA GLN A 96 -21.95 -19.69 12.10
C GLN A 96 -20.52 -19.22 11.84
N ASN A 97 -20.13 -18.07 12.37
CA ASN A 97 -18.76 -17.64 12.16
C ASN A 97 -17.82 -18.75 12.62
N ALA A 98 -18.04 -19.24 13.84
CA ALA A 98 -17.22 -20.30 14.39
C ALA A 98 -17.19 -21.50 13.46
N ILE A 99 -18.33 -21.82 12.86
CA ILE A 99 -18.37 -22.95 11.94
C ILE A 99 -17.53 -22.70 10.69
N ILE A 100 -17.70 -21.53 10.07
CA ILE A 100 -16.95 -21.16 8.87
C ILE A 100 -15.46 -21.46 9.10
N GLU A 101 -14.96 -21.02 10.25
CA GLU A 101 -13.58 -21.20 10.65
C GLU A 101 -13.30 -22.69 10.75
N PHE A 102 -13.94 -23.30 11.74
CA PHE A 102 -13.77 -24.72 11.98
C PHE A 102 -13.68 -25.50 10.68
N TYR A 103 -14.43 -25.09 9.67
CA TYR A 103 -14.37 -25.79 8.40
C TYR A 103 -13.13 -25.44 7.60
N THR A 104 -12.79 -24.16 7.53
CA THR A 104 -11.61 -23.75 6.76
C THR A 104 -10.33 -24.24 7.42
N GLU A 105 -10.46 -25.04 8.48
CA GLU A 105 -9.27 -25.52 9.18
C GLU A 105 -9.38 -26.98 9.59
N TYR A 106 -10.02 -27.78 8.74
CA TYR A 106 -10.18 -29.20 8.99
C TYR A 106 -10.72 -29.89 7.75
N TYR A 107 -10.95 -29.13 6.69
CA TYR A 107 -11.48 -29.71 5.46
C TYR A 107 -10.49 -30.70 4.84
N LYS A 108 -9.52 -31.13 5.65
CA LYS A 108 -8.52 -32.10 5.24
C LYS A 108 -8.78 -33.42 5.98
N THR A 109 -9.00 -33.35 7.28
CA THR A 109 -9.26 -34.55 8.08
C THR A 109 -10.58 -35.22 7.67
N ASN A 110 -10.47 -36.18 6.74
CA ASN A 110 -11.61 -36.92 6.21
C ASN A 110 -12.81 -37.11 7.13
N SER A 111 -12.58 -37.22 8.43
CA SER A 111 -13.67 -37.42 9.38
C SER A 111 -14.49 -36.15 9.62
N ILE A 112 -14.42 -35.23 8.65
CA ILE A 112 -15.15 -33.96 8.72
C ILE A 112 -16.55 -34.08 8.12
N ASN A 113 -16.61 -34.49 6.86
CA ASN A 113 -17.89 -34.64 6.19
C ASN A 113 -18.70 -35.78 6.82
N GLU A 114 -18.27 -36.19 8.00
CA GLU A 114 -18.92 -37.25 8.76
C GLU A 114 -20.10 -36.67 9.54
N LYS A 115 -19.81 -35.79 10.49
CA LYS A 115 -20.84 -35.14 11.28
C LYS A 115 -21.38 -34.00 10.44
N MET A 116 -20.47 -33.37 9.69
CA MET A 116 -20.80 -32.27 8.81
C MET A 116 -21.84 -32.72 7.79
N ASN A 117 -22.28 -33.98 7.93
CA ASN A 117 -23.28 -34.55 7.04
C ASN A 117 -24.61 -34.58 7.77
N LYS A 118 -24.73 -35.45 8.77
CA LYS A 118 -25.96 -35.56 9.54
C LYS A 118 -26.38 -34.19 10.06
N LEU A 119 -25.43 -33.26 10.11
CA LEU A 119 -25.72 -31.91 10.59
C LEU A 119 -26.39 -31.14 9.47
N GLU A 120 -25.87 -31.27 8.26
CA GLU A 120 -26.42 -30.58 7.12
C GLU A 120 -27.82 -31.08 6.80
N ASN A 121 -28.27 -32.08 7.54
CA ASN A 121 -29.61 -32.60 7.32
C ASN A 121 -30.63 -31.79 8.09
N LYS A 122 -30.49 -31.73 9.41
CA LYS A 122 -31.41 -30.94 10.23
C LYS A 122 -31.50 -29.52 9.65
N TYR A 123 -30.33 -28.97 9.32
CA TYR A 123 -30.17 -27.63 8.75
C TYR A 123 -31.11 -27.36 7.58
N ILE A 124 -31.33 -28.37 6.75
CA ILE A 124 -32.19 -28.17 5.59
C ILE A 124 -33.54 -28.85 5.71
N ASP A 125 -33.67 -29.72 6.70
CA ASP A 125 -34.91 -30.44 6.90
C ASP A 125 -36.09 -29.50 7.06
N ALA A 126 -35.93 -28.48 7.89
CA ALA A 126 -36.97 -27.51 8.12
C ALA A 126 -37.56 -27.03 6.78
N TYR A 127 -36.68 -26.74 5.82
CA TYR A 127 -37.14 -26.28 4.52
C TYR A 127 -37.78 -27.40 3.73
N HIS A 128 -37.16 -28.58 3.81
CA HIS A 128 -37.66 -29.74 3.10
C HIS A 128 -39.13 -29.94 3.35
N VAL A 129 -39.49 -30.04 4.63
CA VAL A 129 -40.90 -30.20 5.01
C VAL A 129 -41.69 -29.06 4.39
N ILE A 130 -41.45 -27.85 4.88
CA ILE A 130 -42.12 -26.67 4.37
C ILE A 130 -42.36 -26.75 2.86
N PHE A 131 -41.34 -27.13 2.11
CA PHE A 131 -41.53 -27.20 0.67
C PHE A 131 -42.40 -28.37 0.20
N LYS A 132 -42.14 -29.58 0.71
CA LYS A 132 -42.94 -30.74 0.32
C LYS A 132 -44.41 -30.54 0.70
N GLU A 133 -44.63 -30.22 1.97
CA GLU A 133 -45.97 -29.98 2.51
C GLU A 133 -46.69 -28.97 1.64
N GLY A 134 -45.94 -27.98 1.17
CA GLY A 134 -46.52 -26.96 0.31
C GLY A 134 -47.05 -27.59 -0.96
N ASN A 135 -46.36 -28.64 -1.43
CA ASN A 135 -46.76 -29.34 -2.64
C ASN A 135 -48.10 -30.02 -2.40
N LEU A 136 -48.20 -30.67 -1.26
CA LEU A 136 -49.42 -31.37 -0.87
C LEU A 136 -50.53 -30.33 -0.75
N ASN A 137 -50.26 -29.27 -0.01
CA ASN A 137 -51.23 -28.21 0.20
C ASN A 137 -51.42 -27.37 -1.07
N GLY A 138 -50.78 -27.79 -2.16
CA GLY A 138 -50.90 -27.06 -3.41
C GLY A 138 -50.61 -25.56 -3.37
N GLU A 139 -49.62 -25.15 -2.58
CA GLU A 139 -49.26 -23.74 -2.51
C GLU A 139 -48.27 -23.42 -3.62
N TRP A 140 -47.64 -24.47 -4.14
CA TRP A 140 -46.66 -24.32 -5.20
C TRP A 140 -46.32 -25.72 -5.70
N SER A 141 -45.48 -25.79 -6.71
CA SER A 141 -45.10 -27.08 -7.26
C SER A 141 -43.59 -27.14 -7.51
N ILE A 142 -42.86 -27.61 -6.50
CA ILE A 142 -41.41 -27.74 -6.56
C ILE A 142 -41.07 -29.19 -6.86
N ASN A 143 -40.45 -29.48 -8.01
CA ASN A 143 -40.08 -30.88 -8.29
C ASN A 143 -38.72 -31.23 -7.70
N ASP A 144 -37.82 -30.25 -7.64
CA ASP A 144 -36.49 -30.47 -7.07
C ASP A 144 -36.42 -29.95 -5.64
N VAL A 145 -37.33 -30.43 -4.80
CA VAL A 145 -37.40 -29.99 -3.40
C VAL A 145 -36.06 -29.95 -2.69
N ASN A 146 -35.38 -31.08 -2.68
CA ASN A 146 -34.10 -31.18 -2.01
C ASN A 146 -33.12 -30.07 -2.41
N ALA A 147 -33.13 -29.68 -3.68
CA ALA A 147 -32.23 -28.62 -4.12
C ALA A 147 -32.69 -27.31 -3.52
N VAL A 148 -33.91 -26.92 -3.87
CA VAL A 148 -34.48 -25.68 -3.39
C VAL A 148 -34.29 -25.60 -1.89
N SER A 149 -34.45 -26.73 -1.21
CA SER A 149 -34.27 -26.73 0.24
C SER A 149 -32.86 -26.22 0.57
N LYS A 150 -31.85 -26.86 -0.02
CA LYS A 150 -30.48 -26.48 0.21
C LYS A 150 -30.23 -25.01 -0.15
N ILE A 151 -30.67 -24.61 -1.33
CA ILE A 151 -30.46 -23.24 -1.75
C ILE A 151 -31.04 -22.28 -0.74
N ALA A 152 -32.34 -22.43 -0.44
CA ALA A 152 -33.00 -21.56 0.52
C ALA A 152 -32.25 -21.54 1.85
N ALA A 153 -31.94 -22.71 2.37
CA ALA A 153 -31.22 -22.79 3.64
C ALA A 153 -29.93 -21.98 3.60
N ASN A 154 -29.11 -22.16 2.56
CA ASN A 154 -27.87 -21.41 2.52
C ASN A 154 -28.00 -19.92 2.23
N ALA A 155 -28.90 -19.55 1.32
CA ALA A 155 -29.11 -18.14 1.00
C ALA A 155 -29.54 -17.44 2.27
N VAL A 156 -30.42 -18.09 3.02
CA VAL A 156 -30.92 -17.51 4.26
C VAL A 156 -29.83 -17.37 5.31
N ASN A 157 -29.00 -18.40 5.44
CA ASN A 157 -27.91 -18.38 6.42
C ASN A 157 -27.02 -17.19 6.08
N GLY A 158 -26.89 -16.93 4.78
CA GLY A 158 -26.08 -15.82 4.31
C GLY A 158 -26.61 -14.48 4.77
N ILE A 159 -27.91 -14.26 4.56
CA ILE A 159 -28.52 -13.01 4.96
C ILE A 159 -28.44 -12.81 6.46
N VAL A 160 -28.46 -13.92 7.20
CA VAL A 160 -28.38 -13.86 8.65
C VAL A 160 -26.96 -13.61 9.13
N THR A 161 -26.01 -14.30 8.52
CA THR A 161 -24.60 -14.20 8.89
C THR A 161 -23.78 -13.02 8.39
N PHE A 162 -23.94 -12.65 7.12
CA PHE A 162 -23.16 -11.56 6.54
C PHE A 162 -23.69 -10.14 6.70
N THR A 163 -24.68 -9.95 7.56
CA THR A 163 -25.22 -8.62 7.84
C THR A 163 -25.44 -8.53 9.34
N HIS A 164 -24.65 -9.29 10.09
CA HIS A 164 -24.73 -9.35 11.56
C HIS A 164 -23.99 -8.21 12.25
N GLU A 165 -24.52 -6.99 12.11
CA GLU A 165 -23.92 -5.82 12.72
C GLU A 165 -24.78 -4.59 12.48
N GLN A 166 -25.73 -4.71 11.54
CA GLN A 166 -26.62 -3.60 11.22
C GLN A 166 -28.01 -3.76 11.84
N ASN A 167 -28.65 -2.62 12.08
CA ASN A 167 -30.00 -2.55 12.66
C ASN A 167 -30.87 -3.79 12.47
N ILE A 168 -31.28 -4.39 13.58
CA ILE A 168 -32.11 -5.61 13.55
C ILE A 168 -33.40 -5.46 12.74
N ASN A 169 -34.00 -4.27 12.77
CA ASN A 169 -35.24 -4.08 12.03
C ASN A 169 -34.92 -4.11 10.54
N GLU A 170 -33.83 -3.45 10.17
CA GLU A 170 -33.40 -3.41 8.79
C GLU A 170 -33.29 -4.87 8.30
N ARG A 171 -32.63 -5.71 9.11
CA ARG A 171 -32.43 -7.13 8.81
C ARG A 171 -33.76 -7.81 8.53
N ILE A 172 -34.65 -7.76 9.52
CA ILE A 172 -35.98 -8.35 9.41
C ILE A 172 -36.66 -7.91 8.11
N LYS A 173 -36.43 -6.67 7.70
CA LYS A 173 -37.05 -6.14 6.50
C LYS A 173 -36.48 -6.81 5.26
N LEU A 174 -35.16 -6.90 5.17
CA LEU A 174 -34.48 -7.53 4.04
C LEU A 174 -34.91 -8.98 3.88
N MET A 175 -34.75 -9.73 4.97
CA MET A 175 -35.11 -11.14 5.01
C MET A 175 -36.52 -11.40 4.47
N ASN A 176 -37.47 -10.54 4.83
CA ASN A 176 -38.84 -10.72 4.35
C ASN A 176 -38.94 -10.42 2.87
N LYS A 177 -38.20 -9.41 2.40
CA LYS A 177 -38.24 -9.06 0.99
C LYS A 177 -37.61 -10.24 0.21
N PHE A 178 -36.67 -10.94 0.86
CA PHE A 178 -36.04 -12.09 0.24
C PHE A 178 -37.09 -13.20 0.11
N SER A 179 -37.65 -13.62 1.24
CA SER A 179 -38.67 -14.68 1.31
C SER A 179 -39.79 -14.44 0.30
N GLN A 180 -40.10 -13.17 0.09
CA GLN A 180 -41.13 -12.77 -0.84
C GLN A 180 -40.65 -13.03 -2.26
N ILE A 181 -39.41 -12.63 -2.54
CA ILE A 181 -38.86 -12.81 -3.87
C ILE A 181 -38.59 -14.27 -4.23
N PHE A 182 -38.14 -15.05 -3.24
CA PHE A 182 -37.83 -16.45 -3.48
C PHE A 182 -39.07 -17.24 -3.84
N LEU A 183 -40.01 -17.30 -2.90
CA LEU A 183 -41.25 -18.03 -3.11
C LEU A 183 -41.92 -17.63 -4.43
N ASN A 184 -41.83 -16.36 -4.76
CA ASN A 184 -42.46 -15.86 -5.98
C ASN A 184 -41.74 -16.34 -7.24
N GLY A 185 -40.52 -16.83 -7.09
CA GLY A 185 -39.78 -17.30 -8.24
C GLY A 185 -39.96 -18.79 -8.38
N LEU A 186 -40.73 -19.38 -7.47
CA LEU A 186 -40.96 -20.82 -7.47
C LEU A 186 -42.18 -21.24 -8.27
N SER A 187 -42.87 -20.30 -8.91
CA SER A 187 -44.05 -20.66 -9.70
C SER A 187 -44.52 -19.56 -10.65
N ASN B 2 5.33 45.43 -14.01
CA ASN B 2 4.16 44.64 -14.46
C ASN B 2 3.42 44.14 -13.22
N LEU B 3 2.99 42.89 -13.27
CA LEU B 3 2.27 42.24 -12.17
C LEU B 3 2.40 40.73 -12.35
N LYS B 4 2.44 40.27 -13.59
CA LYS B 4 2.59 38.85 -13.89
C LYS B 4 4.06 38.48 -13.71
N ASP B 5 4.94 39.39 -14.12
CA ASP B 5 6.36 39.14 -13.96
C ASP B 5 6.68 39.27 -12.49
N LYS B 6 5.92 40.13 -11.81
CA LYS B 6 6.10 40.32 -10.38
C LYS B 6 5.92 38.95 -9.74
N ILE B 7 4.79 38.32 -10.01
CA ILE B 7 4.51 36.99 -9.47
C ILE B 7 5.68 36.05 -9.81
N LEU B 8 5.99 35.94 -11.09
CA LEU B 8 7.06 35.06 -11.55
C LEU B 8 8.35 35.27 -10.76
N GLY B 9 8.61 36.52 -10.36
CA GLY B 9 9.82 36.83 -9.62
C GLY B 9 9.73 36.51 -8.14
N VAL B 10 8.74 37.07 -7.47
CA VAL B 10 8.55 36.81 -6.07
C VAL B 10 8.53 35.30 -5.88
N ALA B 11 7.68 34.61 -6.65
CA ALA B 11 7.56 33.16 -6.57
C ALA B 11 8.90 32.43 -6.77
N LYS B 12 9.65 32.84 -7.80
CA LYS B 12 10.93 32.23 -8.09
C LYS B 12 11.80 32.33 -6.86
N GLU B 13 11.89 33.53 -6.32
CA GLU B 13 12.71 33.79 -5.16
C GLU B 13 12.29 32.93 -3.97
N LEU B 14 10.98 32.80 -3.75
CA LEU B 14 10.47 31.99 -2.66
C LEU B 14 10.79 30.51 -2.88
N PHE B 15 10.54 30.00 -4.09
CA PHE B 15 10.84 28.61 -4.37
C PHE B 15 12.30 28.30 -4.07
N ILE B 16 13.16 29.30 -4.27
CA ILE B 16 14.59 29.16 -4.03
C ILE B 16 14.90 29.18 -2.54
N LYS B 17 14.16 30.02 -1.81
CA LYS B 17 14.36 30.17 -0.38
C LYS B 17 13.71 29.10 0.50
N ASN B 18 12.62 28.51 0.05
CA ASN B 18 11.94 27.51 0.88
C ASN B 18 11.65 26.19 0.20
N GLY B 19 11.74 26.17 -1.12
CA GLY B 19 11.45 24.93 -1.81
C GLY B 19 10.03 24.99 -2.32
N TYR B 20 9.60 23.96 -3.03
CA TYR B 20 8.26 23.95 -3.58
C TYR B 20 7.11 23.76 -2.57
N ASN B 21 7.27 22.86 -1.61
CA ASN B 21 6.20 22.62 -0.66
C ASN B 21 5.97 23.70 0.38
N ALA B 22 7.03 24.24 0.97
CA ALA B 22 6.84 25.26 1.99
C ALA B 22 6.26 26.57 1.42
N THR B 23 6.35 26.74 0.11
CA THR B 23 5.85 27.95 -0.52
C THR B 23 4.44 27.79 -1.06
N THR B 24 3.55 28.66 -0.63
CA THR B 24 2.16 28.61 -1.05
C THR B 24 1.81 29.84 -1.86
N THR B 25 0.83 29.71 -2.74
CA THR B 25 0.43 30.83 -3.56
C THR B 25 0.06 31.98 -2.63
N GLY B 26 -0.65 31.66 -1.57
CA GLY B 26 -1.04 32.67 -0.61
C GLY B 26 0.09 33.64 -0.34
N GLU B 27 1.24 33.09 0.04
CA GLU B 27 2.40 33.92 0.34
C GLU B 27 2.91 34.62 -0.93
N ILE B 28 2.99 33.84 -2.01
CA ILE B 28 3.45 34.33 -3.29
C ILE B 28 2.70 35.59 -3.72
N VAL B 29 1.38 35.56 -3.51
CA VAL B 29 0.52 36.68 -3.86
C VAL B 29 0.76 37.94 -3.03
N LYS B 30 0.43 37.87 -1.75
CA LYS B 30 0.59 39.04 -0.88
C LYS B 30 2.00 39.61 -0.81
N LEU B 31 2.99 38.85 -1.27
CA LEU B 31 4.35 39.36 -1.21
C LEU B 31 4.66 40.03 -2.56
N SER B 32 3.77 39.84 -3.52
CA SER B 32 3.92 40.44 -4.84
C SER B 32 2.83 41.48 -5.02
N GLU B 33 2.08 41.73 -3.94
CA GLU B 33 0.99 42.71 -3.94
C GLU B 33 0.02 42.37 -5.06
N SER B 34 -0.69 41.26 -4.90
CA SER B 34 -1.64 40.86 -5.91
C SER B 34 -2.79 40.05 -5.32
N SER B 35 -3.55 39.40 -6.20
CA SER B 35 -4.68 38.61 -5.79
C SER B 35 -4.48 37.16 -6.19
N LYS B 36 -4.99 36.24 -5.37
CA LYS B 36 -4.88 34.82 -5.66
C LYS B 36 -5.56 34.51 -7.01
N GLY B 37 -6.82 34.91 -7.14
CA GLY B 37 -7.53 34.68 -8.38
C GLY B 37 -6.82 35.28 -9.57
N ASN B 38 -5.98 36.28 -9.30
CA ASN B 38 -5.23 36.92 -10.36
C ASN B 38 -4.11 35.97 -10.78
N LEU B 39 -3.55 35.26 -9.82
CA LEU B 39 -2.46 34.31 -10.07
C LEU B 39 -2.97 33.21 -11.01
N TYR B 40 -4.15 32.68 -10.71
CA TYR B 40 -4.72 31.64 -11.55
C TYR B 40 -4.96 32.23 -12.93
N TYR B 41 -5.39 33.49 -12.93
CA TYR B 41 -5.67 34.20 -14.17
C TYR B 41 -4.51 34.17 -15.15
N HIS B 42 -3.28 34.23 -14.63
CA HIS B 42 -2.06 34.23 -15.43
C HIS B 42 -1.39 32.86 -15.62
N PHE B 43 -1.50 31.98 -14.63
CA PHE B 43 -0.84 30.68 -14.73
C PHE B 43 -1.71 29.45 -14.48
N LYS B 44 -2.95 29.66 -14.05
CA LYS B 44 -3.89 28.57 -13.78
C LYS B 44 -3.67 27.90 -12.43
N THR B 45 -2.49 27.29 -12.24
CA THR B 45 -2.18 26.61 -10.99
C THR B 45 -0.72 26.76 -10.57
N LYS B 46 -0.47 26.75 -9.27
CA LYS B 46 0.90 26.86 -8.75
C LYS B 46 1.80 25.87 -9.47
N GLU B 47 1.36 24.61 -9.54
CA GLU B 47 2.14 23.60 -10.21
C GLU B 47 2.51 24.14 -11.60
N ASN B 48 1.60 24.88 -12.20
CA ASN B 48 1.86 25.39 -13.53
C ASN B 48 2.80 26.58 -13.48
N LEU B 49 2.59 27.44 -12.49
CA LEU B 49 3.43 28.63 -12.28
C LEU B 49 4.89 28.20 -12.21
N PHE B 50 5.15 27.27 -11.31
CA PHE B 50 6.48 26.74 -11.09
C PHE B 50 7.06 26.20 -12.40
N LEU B 51 6.28 25.42 -13.14
CA LEU B 51 6.75 24.87 -14.42
C LEU B 51 7.16 25.98 -15.39
N GLU B 52 6.43 27.10 -15.38
CA GLU B 52 6.79 28.19 -16.28
C GLU B 52 8.12 28.73 -15.81
N ILE B 53 8.17 29.09 -14.53
CA ILE B 53 9.38 29.59 -13.90
C ILE B 53 10.54 28.69 -14.30
N LEU B 54 10.30 27.37 -14.21
CA LEU B 54 11.32 26.40 -14.55
C LEU B 54 11.77 26.49 -16.00
N ASN B 55 10.84 26.80 -16.91
CA ASN B 55 11.22 26.91 -18.31
C ASN B 55 12.04 28.15 -18.57
N ILE B 56 11.72 29.23 -17.86
CA ILE B 56 12.45 30.47 -18.03
C ILE B 56 13.89 30.21 -17.59
N GLU B 57 14.04 29.72 -16.35
CA GLU B 57 15.37 29.43 -15.82
C GLU B 57 16.17 28.56 -16.78
N GLN B 58 15.56 27.49 -17.25
CA GLN B 58 16.23 26.57 -18.17
C GLN B 58 16.76 27.29 -19.40
N SER B 59 15.93 28.14 -19.99
CA SER B 59 16.34 28.86 -21.17
C SER B 59 17.39 29.93 -20.88
N LYS B 60 17.19 30.71 -19.83
CA LYS B 60 18.15 31.76 -19.53
C LYS B 60 19.55 31.16 -19.31
N TRP B 61 19.60 29.97 -18.72
CA TRP B 61 20.89 29.31 -18.48
C TRP B 61 21.40 28.67 -19.77
N GLN B 62 20.47 28.21 -20.60
CA GLN B 62 20.81 27.60 -21.87
C GLN B 62 21.44 28.65 -22.77
N GLU B 63 20.92 29.88 -22.67
CA GLU B 63 21.40 31.00 -23.46
C GLU B 63 22.77 31.45 -22.99
N GLN B 64 22.86 31.79 -21.71
CA GLN B 64 24.11 32.22 -21.12
C GLN B 64 25.23 31.28 -21.53
N TRP B 65 24.93 29.99 -21.61
CA TRP B 65 25.93 28.99 -22.01
C TRP B 65 26.25 29.12 -23.48
N LYS B 66 25.26 29.50 -24.28
CA LYS B 66 25.44 29.66 -25.72
C LYS B 66 26.51 30.71 -25.98
N LYS B 67 26.39 31.83 -25.26
CA LYS B 67 27.32 32.94 -25.39
C LYS B 67 28.70 32.67 -24.79
N GLU B 68 28.75 32.18 -23.56
CA GLU B 68 30.02 31.93 -22.89
C GLU B 68 30.80 30.68 -23.30
N GLN B 69 30.18 29.76 -24.01
CA GLN B 69 30.89 28.52 -24.40
C GLN B 69 31.92 28.78 -25.49
N ILE B 70 31.82 29.95 -26.11
CA ILE B 70 32.72 30.34 -27.17
C ILE B 70 34.18 30.41 -26.71
N LYS B 71 34.38 30.84 -25.47
CA LYS B 71 35.72 30.96 -24.92
C LYS B 71 36.46 29.64 -24.72
N ALA B 72 35.82 28.54 -25.14
CA ALA B 72 36.43 27.22 -25.01
C ALA B 72 36.53 26.64 -26.40
N LYS B 73 37.75 26.36 -26.86
CA LYS B 73 37.96 25.82 -28.21
C LYS B 73 37.67 24.33 -28.33
N THR B 74 38.38 23.49 -27.59
CA THR B 74 38.13 22.05 -27.65
C THR B 74 36.83 21.73 -26.89
N ASN B 75 36.47 20.46 -26.80
CA ASN B 75 35.26 20.11 -26.06
C ASN B 75 35.69 19.73 -24.66
N ARG B 76 36.93 19.30 -24.53
CA ARG B 76 37.45 18.97 -23.23
C ARG B 76 37.39 20.27 -22.39
N GLU B 77 37.43 21.40 -23.07
CA GLU B 77 37.37 22.70 -22.39
C GLU B 77 35.95 23.06 -22.06
N LYS B 78 35.04 22.83 -23.00
CA LYS B 78 33.65 23.15 -22.75
C LYS B 78 33.15 22.31 -21.57
N PHE B 79 33.63 21.07 -21.47
CA PHE B 79 33.20 20.23 -20.36
C PHE B 79 33.57 20.96 -19.08
N TYR B 80 34.87 21.17 -18.88
CA TYR B 80 35.40 21.88 -17.72
C TYR B 80 34.61 23.18 -17.47
N LEU B 81 34.43 23.97 -18.53
CA LEU B 81 33.74 25.24 -18.44
C LEU B 81 32.30 25.15 -17.95
N TYR B 82 31.50 24.30 -18.59
CA TYR B 82 30.09 24.11 -18.22
C TYR B 82 29.96 23.80 -16.72
N ASN B 83 30.57 22.69 -16.31
CA ASN B 83 30.56 22.26 -14.92
C ASN B 83 30.91 23.43 -14.03
N GLU B 84 31.85 24.25 -14.49
CA GLU B 84 32.31 25.43 -13.76
C GLU B 84 31.23 26.49 -13.65
N LEU B 85 30.69 26.88 -14.78
CA LEU B 85 29.66 27.90 -14.81
C LEU B 85 28.46 27.49 -13.97
N SER B 86 28.24 26.18 -13.87
CA SER B 86 27.14 25.65 -13.10
C SER B 86 27.15 26.16 -11.66
N LEU B 87 28.35 26.22 -11.09
CA LEU B 87 28.55 26.67 -9.73
C LEU B 87 28.31 28.17 -9.50
N THR B 88 28.54 28.95 -10.54
CA THR B 88 28.43 30.39 -10.40
C THR B 88 27.28 31.07 -11.10
N THR B 89 26.54 30.30 -11.90
CA THR B 89 25.42 30.88 -12.61
C THR B 89 24.28 31.18 -11.66
N GLU B 90 23.47 32.15 -12.05
CA GLU B 90 22.34 32.54 -11.24
C GLU B 90 21.10 31.82 -11.72
N TYR B 91 21.25 31.01 -12.77
CA TYR B 91 20.07 30.34 -13.32
C TYR B 91 19.94 28.84 -13.07
N TYR B 92 18.67 28.41 -13.00
CA TYR B 92 18.31 27.01 -12.84
C TYR B 92 18.85 26.21 -11.64
N TYR B 93 20.17 26.02 -11.58
CA TYR B 93 20.76 25.26 -10.49
C TYR B 93 20.28 25.61 -9.07
N PRO B 94 19.85 26.86 -8.82
CA PRO B 94 19.37 27.25 -7.49
C PRO B 94 17.98 26.75 -7.14
N LEU B 95 17.26 26.23 -8.12
CA LEU B 95 15.91 25.75 -7.87
C LEU B 95 15.92 24.24 -7.62
N GLN B 96 17.07 23.61 -7.73
CA GLN B 96 17.18 22.18 -7.53
C GLN B 96 16.36 21.72 -6.34
N ASN B 97 16.56 22.38 -5.22
CA ASN B 97 15.84 21.99 -4.02
C ASN B 97 14.33 21.89 -4.26
N ALA B 98 13.76 22.93 -4.85
CA ALA B 98 12.33 22.92 -5.13
C ALA B 98 12.03 21.97 -6.28
N ILE B 99 12.99 21.76 -7.20
CA ILE B 99 12.76 20.85 -8.32
C ILE B 99 12.63 19.42 -7.82
N ILE B 100 13.51 19.03 -6.90
CA ILE B 100 13.45 17.69 -6.30
C ILE B 100 12.04 17.43 -5.77
N GLU B 101 11.54 18.36 -4.94
CA GLU B 101 10.22 18.23 -4.33
C GLU B 101 9.10 18.20 -5.35
N PHE B 102 9.08 19.20 -6.23
CA PHE B 102 8.03 19.28 -7.22
C PHE B 102 7.96 18.03 -8.09
N TYR B 103 9.00 17.21 -8.05
CA TYR B 103 9.00 16.01 -8.86
C TYR B 103 8.49 14.80 -8.11
N THR B 104 8.92 14.64 -6.87
CA THR B 104 8.47 13.50 -6.10
C THR B 104 6.99 13.65 -5.81
N GLU B 105 6.43 14.77 -6.25
CA GLU B 105 5.02 15.04 -6.03
C GLU B 105 4.14 14.88 -7.26
N TYR B 106 4.73 14.98 -8.45
CA TYR B 106 3.93 14.87 -9.68
C TYR B 106 4.38 13.80 -10.69
N TYR B 107 5.50 13.14 -10.46
CA TYR B 107 5.94 12.12 -11.40
C TYR B 107 4.81 11.11 -11.54
N LYS B 108 4.05 10.97 -10.46
CA LYS B 108 2.92 10.07 -10.42
C LYS B 108 2.04 10.42 -11.62
N THR B 109 1.49 11.63 -11.60
CA THR B 109 0.63 12.10 -12.70
C THR B 109 1.40 12.03 -14.01
N ASN B 110 0.74 12.32 -15.13
CA ASN B 110 1.41 12.26 -16.44
C ASN B 110 1.49 13.57 -17.19
N SER B 111 0.38 14.31 -17.19
CA SER B 111 0.34 15.59 -17.88
C SER B 111 1.60 16.37 -17.54
N ILE B 112 1.89 16.46 -16.24
CA ILE B 112 3.06 17.17 -15.72
C ILE B 112 4.37 16.43 -16.00
N ASN B 113 4.45 15.19 -15.52
CA ASN B 113 5.66 14.40 -15.71
C ASN B 113 6.18 14.45 -17.13
N GLU B 114 5.27 14.58 -18.10
CA GLU B 114 5.68 14.66 -19.49
C GLU B 114 6.49 15.92 -19.76
N LYS B 115 5.94 17.07 -19.36
CA LYS B 115 6.60 18.36 -19.54
C LYS B 115 7.96 18.38 -18.83
N MET B 116 8.03 17.67 -17.71
CA MET B 116 9.25 17.59 -16.94
C MET B 116 10.35 16.86 -17.69
N ASN B 117 10.00 15.73 -18.29
CA ASN B 117 10.97 14.95 -19.06
C ASN B 117 11.42 15.81 -20.22
N LYS B 118 10.54 16.73 -20.64
CA LYS B 118 10.85 17.63 -21.74
C LYS B 118 12.03 18.48 -21.27
N LEU B 119 11.84 19.17 -20.15
CA LEU B 119 12.88 20.02 -19.57
C LEU B 119 14.15 19.21 -19.33
N GLU B 120 14.00 18.03 -18.75
CA GLU B 120 15.13 17.18 -18.46
C GLU B 120 16.00 16.96 -19.69
N ASN B 121 15.36 16.89 -20.85
CA ASN B 121 16.08 16.66 -22.10
C ASN B 121 17.08 17.78 -22.37
N LYS B 122 16.61 19.03 -22.31
CA LYS B 122 17.48 20.18 -22.53
C LYS B 122 18.70 20.04 -21.62
N TYR B 123 18.42 20.01 -20.32
CA TYR B 123 19.42 19.89 -19.27
C TYR B 123 20.54 18.86 -19.54
N ILE B 124 20.19 17.69 -20.08
CA ILE B 124 21.18 16.65 -20.38
C ILE B 124 21.85 16.93 -21.73
N ASP B 125 21.07 17.49 -22.65
CA ASP B 125 21.55 17.80 -24.00
C ASP B 125 22.93 18.45 -24.06
N ALA B 126 23.10 19.54 -23.30
CA ALA B 126 24.36 20.28 -23.25
C ALA B 126 25.56 19.34 -23.18
N TYR B 127 25.47 18.32 -22.35
CA TYR B 127 26.56 17.37 -22.22
C TYR B 127 26.55 16.45 -23.43
N HIS B 128 25.36 16.08 -23.88
CA HIS B 128 25.23 15.21 -25.04
C HIS B 128 25.99 15.80 -26.21
N VAL B 129 25.71 17.07 -26.50
CA VAL B 129 26.38 17.79 -27.58
C VAL B 129 27.91 17.71 -27.38
N ILE B 130 28.38 18.27 -26.27
CA ILE B 130 29.80 18.27 -25.93
C ILE B 130 30.46 16.91 -26.16
N PHE B 131 29.84 15.85 -25.67
CA PHE B 131 30.41 14.53 -25.84
C PHE B 131 30.36 14.06 -27.30
N LYS B 132 29.29 14.44 -28.00
CA LYS B 132 29.12 14.08 -29.41
C LYS B 132 30.26 14.65 -30.24
N GLU B 133 30.31 15.98 -30.33
CA GLU B 133 31.37 16.67 -31.07
C GLU B 133 32.70 16.06 -30.62
N GLY B 134 32.84 15.91 -29.31
CA GLY B 134 34.05 15.35 -28.75
C GLY B 134 34.47 14.11 -29.50
N ASN B 135 33.50 13.22 -29.73
CA ASN B 135 33.77 11.99 -30.47
C ASN B 135 34.19 12.38 -31.88
N LEU B 136 33.39 13.24 -32.51
CA LEU B 136 33.66 13.71 -33.86
C LEU B 136 34.87 14.64 -33.87
N ASN B 137 35.88 14.32 -33.06
CA ASN B 137 37.08 15.14 -32.97
C ASN B 137 38.14 14.38 -32.20
N GLY B 138 38.03 13.06 -32.21
CA GLY B 138 38.99 12.22 -31.52
C GLY B 138 39.45 12.70 -30.16
N GLU B 139 38.59 13.40 -29.43
CA GLU B 139 38.97 13.88 -28.10
C GLU B 139 38.81 12.70 -27.14
N TRP B 140 37.89 11.81 -27.51
CA TRP B 140 37.58 10.62 -26.74
C TRP B 140 36.67 9.76 -27.61
N SER B 141 36.52 8.49 -27.25
CA SER B 141 35.65 7.61 -28.00
C SER B 141 34.59 7.09 -27.04
N ILE B 142 33.44 7.74 -27.02
CA ILE B 142 32.36 7.36 -26.12
C ILE B 142 31.23 6.62 -26.82
N ASN B 143 31.11 5.33 -26.53
CA ASN B 143 30.08 4.46 -27.11
C ASN B 143 28.68 4.96 -26.79
N ASP B 144 28.33 4.96 -25.50
CA ASP B 144 27.00 5.42 -25.09
C ASP B 144 27.11 6.85 -24.59
N VAL B 145 26.74 7.78 -25.45
CA VAL B 145 26.80 9.19 -25.10
C VAL B 145 25.65 9.56 -24.18
N ASN B 146 24.46 9.09 -24.47
CA ASN B 146 23.30 9.40 -23.63
C ASN B 146 23.53 8.98 -22.17
N ALA B 147 24.28 7.90 -21.98
CA ALA B 147 24.58 7.43 -20.64
C ALA B 147 25.57 8.38 -20.00
N VAL B 148 26.72 8.54 -20.65
CA VAL B 148 27.72 9.45 -20.13
C VAL B 148 27.12 10.82 -19.88
N SER B 149 26.35 11.32 -20.84
CA SER B 149 25.71 12.63 -20.68
C SER B 149 24.91 12.68 -19.37
N LYS B 150 24.02 11.70 -19.19
CA LYS B 150 23.20 11.62 -17.99
C LYS B 150 24.06 11.57 -16.73
N ILE B 151 25.00 10.63 -16.69
CA ILE B 151 25.88 10.47 -15.54
C ILE B 151 26.53 11.81 -15.24
N ALA B 152 27.14 12.39 -16.26
CA ALA B 152 27.82 13.66 -16.12
C ALA B 152 26.92 14.67 -15.42
N ALA B 153 25.88 15.08 -16.16
CA ALA B 153 24.91 16.04 -15.69
C ALA B 153 24.47 15.85 -14.25
N ASN B 154 24.20 14.62 -13.85
CA ASN B 154 23.77 14.36 -12.49
C ASN B 154 24.89 14.42 -11.45
N ALA B 155 26.06 13.89 -11.81
CA ALA B 155 27.16 13.92 -10.88
C ALA B 155 27.57 15.37 -10.66
N VAL B 156 27.54 16.16 -11.73
CA VAL B 156 27.91 17.55 -11.61
C VAL B 156 26.92 18.28 -10.73
N ASN B 157 25.64 18.20 -11.11
CA ASN B 157 24.57 18.86 -10.36
C ASN B 157 24.61 18.39 -8.92
N GLY B 158 25.17 17.20 -8.72
CA GLY B 158 25.31 16.66 -7.38
C GLY B 158 26.36 17.53 -6.69
N ILE B 159 27.54 17.66 -7.31
CA ILE B 159 28.60 18.48 -6.74
C ILE B 159 28.06 19.88 -6.49
N VAL B 160 27.32 20.39 -7.45
CA VAL B 160 26.78 21.74 -7.35
C VAL B 160 25.86 21.96 -6.16
N THR B 161 24.87 21.09 -5.98
CA THR B 161 23.91 21.29 -4.89
C THR B 161 24.21 20.72 -3.50
N PHE B 162 25.26 19.91 -3.36
CA PHE B 162 25.56 19.38 -2.03
C PHE B 162 26.87 19.92 -1.44
N THR B 163 27.30 21.08 -1.94
CA THR B 163 28.49 21.75 -1.44
C THR B 163 28.13 23.24 -1.46
N HIS B 164 26.83 23.49 -1.34
CA HIS B 164 26.25 24.83 -1.35
C HIS B 164 26.72 25.59 -0.11
N GLU B 165 27.35 24.85 0.79
CA GLU B 165 27.84 25.38 2.06
C GLU B 165 29.19 26.13 2.02
N GLN B 166 30.22 25.45 1.54
CA GLN B 166 31.57 25.98 1.50
C GLN B 166 31.87 27.22 0.69
N ASN B 167 33.17 27.46 0.54
CA ASN B 167 33.74 28.58 -0.20
C ASN B 167 33.67 28.38 -1.72
N ILE B 168 32.97 29.29 -2.40
CA ILE B 168 32.82 29.21 -3.84
C ILE B 168 34.16 28.93 -4.52
N ASN B 169 35.25 29.39 -3.91
CA ASN B 169 36.55 29.16 -4.50
C ASN B 169 36.85 27.68 -4.49
N GLU B 170 36.66 27.06 -3.32
CA GLU B 170 36.89 25.62 -3.18
C GLU B 170 35.94 24.82 -4.06
N ARG B 171 34.65 25.19 -4.05
CA ARG B 171 33.69 24.49 -4.88
C ARG B 171 34.29 24.40 -6.29
N ILE B 172 34.58 25.54 -6.88
CA ILE B 172 35.15 25.58 -8.22
C ILE B 172 36.44 24.73 -8.30
N LYS B 173 37.18 24.65 -7.22
CA LYS B 173 38.40 23.86 -7.24
C LYS B 173 38.05 22.38 -7.33
N LEU B 174 37.19 21.91 -6.42
CA LEU B 174 36.77 20.51 -6.40
C LEU B 174 36.14 20.12 -7.73
N MET B 175 35.33 21.03 -8.26
CA MET B 175 34.64 20.79 -9.51
C MET B 175 35.59 20.41 -10.61
N ASN B 176 36.61 21.23 -10.81
CA ASN B 176 37.55 20.94 -11.88
C ASN B 176 38.33 19.66 -11.63
N LYS B 177 38.70 19.40 -10.38
CA LYS B 177 39.42 18.18 -10.06
C LYS B 177 38.53 17.05 -10.57
N PHE B 178 37.21 17.22 -10.43
CA PHE B 178 36.25 16.22 -10.91
C PHE B 178 36.28 16.13 -12.43
N SER B 179 35.98 17.25 -13.09
CA SER B 179 35.97 17.34 -14.55
C SER B 179 37.22 16.69 -15.12
N GLN B 180 38.35 16.93 -14.48
CA GLN B 180 39.60 16.34 -14.95
C GLN B 180 39.42 14.83 -14.83
N ILE B 181 39.40 14.33 -13.60
CA ILE B 181 39.25 12.91 -13.32
C ILE B 181 38.26 12.26 -14.27
N PHE B 182 37.06 12.83 -14.31
CA PHE B 182 36.01 12.30 -15.16
C PHE B 182 36.45 12.17 -16.62
N LEU B 183 37.01 13.24 -17.19
CA LEU B 183 37.45 13.19 -18.57
C LEU B 183 38.57 12.19 -18.77
N ASN B 184 39.45 12.08 -17.79
CA ASN B 184 40.56 11.16 -17.91
C ASN B 184 40.11 9.74 -17.69
N GLY B 185 38.81 9.55 -17.65
CA GLY B 185 38.27 8.23 -17.46
C GLY B 185 37.49 7.78 -18.68
N LEU B 186 37.12 8.74 -19.53
CA LEU B 186 36.35 8.44 -20.72
C LEU B 186 36.96 7.50 -21.74
N SER B 187 38.26 7.55 -21.92
CA SER B 187 38.90 6.64 -22.87
C SER B 187 40.03 5.85 -22.20
N ASN C 2 5.95 2.95 -3.43
CA ASN C 2 6.72 1.72 -3.78
C ASN C 2 7.12 0.89 -2.57
N LEU C 3 8.04 1.39 -1.76
CA LEU C 3 8.42 0.64 -0.55
C LEU C 3 7.12 0.28 0.19
N LYS C 4 6.10 1.13 0.03
CA LYS C 4 4.80 0.88 0.63
C LYS C 4 4.22 -0.29 -0.14
N ASP C 5 4.30 -0.18 -1.48
CA ASP C 5 3.80 -1.23 -2.36
C ASP C 5 4.53 -2.53 -2.14
N LYS C 6 5.78 -2.42 -1.70
CA LYS C 6 6.62 -3.58 -1.42
C LYS C 6 6.17 -4.26 -0.13
N ILE C 7 5.75 -3.46 0.84
CA ILE C 7 5.29 -4.04 2.11
C ILE C 7 4.00 -4.79 1.84
N LEU C 8 3.08 -4.13 1.16
CA LEU C 8 1.81 -4.75 0.82
C LEU C 8 2.03 -6.11 0.12
N GLY C 9 2.95 -6.12 -0.86
CA GLY C 9 3.26 -7.33 -1.58
C GLY C 9 3.69 -8.47 -0.67
N VAL C 10 4.81 -8.24 0.01
CA VAL C 10 5.34 -9.24 0.92
C VAL C 10 4.31 -9.65 1.96
N ALA C 11 3.58 -8.66 2.47
CA ALA C 11 2.57 -8.93 3.47
C ALA C 11 1.52 -9.88 2.90
N LYS C 12 1.02 -9.59 1.69
CA LYS C 12 0.01 -10.46 1.10
C LYS C 12 0.52 -11.91 1.07
N GLU C 13 1.75 -12.09 0.60
CA GLU C 13 2.33 -13.44 0.54
C GLU C 13 2.40 -14.05 1.93
N LEU C 14 3.01 -13.36 2.87
CA LEU C 14 3.11 -13.88 4.22
C LEU C 14 1.77 -14.33 4.75
N PHE C 15 0.77 -13.45 4.70
CA PHE C 15 -0.58 -13.77 5.17
C PHE C 15 -1.06 -15.04 4.48
N ILE C 16 -0.87 -15.09 3.16
CA ILE C 16 -1.28 -16.25 2.40
C ILE C 16 -0.57 -17.53 2.81
N LYS C 17 0.72 -17.45 3.16
CA LYS C 17 1.45 -18.66 3.55
C LYS C 17 1.27 -19.12 4.97
N ASN C 18 1.18 -18.20 5.93
CA ASN C 18 1.04 -18.62 7.32
C ASN C 18 -0.20 -18.09 8.03
N GLY C 19 -1.08 -17.44 7.28
CA GLY C 19 -2.30 -16.91 7.86
C GLY C 19 -2.15 -15.53 8.47
N TYR C 20 -3.25 -14.97 8.98
CA TYR C 20 -3.19 -13.64 9.56
C TYR C 20 -2.56 -13.58 10.94
N ASN C 21 -3.00 -14.46 11.83
CA ASN C 21 -2.46 -14.43 13.18
C ASN C 21 -0.98 -14.66 13.33
N ALA C 22 -0.38 -15.47 12.46
CA ALA C 22 1.05 -15.75 12.58
C ALA C 22 1.94 -14.71 11.92
N THR C 23 1.42 -14.04 10.90
CA THR C 23 2.25 -13.06 10.26
C THR C 23 2.52 -11.95 11.27
N THR C 24 3.79 -11.66 11.49
CA THR C 24 4.18 -10.60 12.43
C THR C 24 4.70 -9.39 11.67
N THR C 25 4.44 -8.20 12.18
CA THR C 25 4.90 -7.00 11.48
C THR C 25 6.42 -7.05 11.37
N GLY C 26 7.05 -7.82 12.26
CA GLY C 26 8.50 -7.95 12.23
C GLY C 26 8.89 -8.63 10.94
N GLU C 27 8.26 -9.77 10.69
CA GLU C 27 8.53 -10.49 9.46
C GLU C 27 8.30 -9.50 8.33
N ILE C 28 7.09 -8.94 8.29
CA ILE C 28 6.77 -8.01 7.22
C ILE C 28 7.84 -6.96 7.06
N VAL C 29 8.32 -6.40 8.17
CA VAL C 29 9.34 -5.37 8.06
C VAL C 29 10.65 -5.86 7.46
N LYS C 30 11.25 -6.90 8.05
CA LYS C 30 12.51 -7.39 7.53
C LYS C 30 12.45 -7.85 6.07
N LEU C 31 11.47 -8.68 5.72
CA LEU C 31 11.36 -9.18 4.35
C LEU C 31 11.05 -8.11 3.31
N SER C 32 10.40 -7.02 3.71
CA SER C 32 10.09 -5.96 2.75
C SER C 32 11.28 -5.01 2.68
N GLU C 33 12.27 -5.28 3.52
CA GLU C 33 13.46 -4.46 3.59
C GLU C 33 13.10 -3.03 3.98
N SER C 34 12.06 -2.89 4.77
CA SER C 34 11.60 -1.60 5.23
C SER C 34 11.99 -1.43 6.70
N SER C 35 11.12 -0.79 7.48
CA SER C 35 11.42 -0.57 8.89
C SER C 35 10.16 -0.36 9.74
N LYS C 36 10.24 -0.73 11.02
CA LYS C 36 9.10 -0.55 11.94
C LYS C 36 8.49 0.84 11.77
N GLY C 37 9.36 1.84 11.62
CA GLY C 37 8.91 3.22 11.48
C GLY C 37 8.14 3.47 10.21
N ASN C 38 8.68 3.06 9.07
CA ASN C 38 8.00 3.27 7.80
C ASN C 38 6.67 2.53 7.78
N LEU C 39 6.68 1.28 8.25
CA LEU C 39 5.46 0.49 8.29
C LEU C 39 4.41 1.17 9.17
N TYR C 40 4.85 1.83 10.25
CA TYR C 40 3.92 2.52 11.14
C TYR C 40 3.33 3.73 10.42
N TYR C 41 4.20 4.49 9.78
CA TYR C 41 3.76 5.68 9.07
C TYR C 41 2.75 5.38 7.96
N HIS C 42 2.82 4.19 7.39
CA HIS C 42 1.92 3.85 6.30
C HIS C 42 0.61 3.21 6.69
N PHE C 43 0.64 2.32 7.67
CA PHE C 43 -0.58 1.63 8.04
C PHE C 43 -0.92 1.68 9.52
N LYS C 44 0.02 2.14 10.34
CA LYS C 44 -0.18 2.25 11.78
C LYS C 44 -0.22 0.91 12.47
N THR C 45 -0.98 -0.02 11.93
CA THR C 45 -1.12 -1.34 12.54
C THR C 45 -1.28 -2.49 11.55
N LYS C 46 -1.09 -3.71 12.04
CA LYS C 46 -1.22 -4.89 11.19
C LYS C 46 -2.63 -4.94 10.61
N GLU C 47 -3.63 -4.76 11.48
CA GLU C 47 -5.05 -4.76 11.07
C GLU C 47 -5.27 -3.82 9.89
N ASN C 48 -4.74 -2.61 10.00
CA ASN C 48 -4.94 -1.68 8.92
C ASN C 48 -4.18 -2.11 7.70
N LEU C 49 -2.96 -2.59 7.90
CA LEU C 49 -2.14 -3.04 6.80
C LEU C 49 -2.95 -4.07 6.01
N PHE C 50 -3.55 -4.99 6.76
CA PHE C 50 -4.35 -6.05 6.16
C PHE C 50 -5.55 -5.50 5.40
N LEU C 51 -6.32 -4.62 6.05
CA LEU C 51 -7.50 -4.02 5.41
C LEU C 51 -7.09 -3.34 4.10
N GLU C 52 -5.90 -2.75 4.11
CA GLU C 52 -5.35 -2.05 2.96
C GLU C 52 -5.12 -3.02 1.80
N ILE C 53 -4.55 -4.18 2.10
CA ILE C 53 -4.33 -5.21 1.11
C ILE C 53 -5.71 -5.54 0.54
N LEU C 54 -6.64 -5.81 1.47
CA LEU C 54 -8.01 -6.13 1.13
C LEU C 54 -8.63 -5.10 0.17
N ASN C 55 -8.30 -3.84 0.37
CA ASN C 55 -8.84 -2.81 -0.51
C ASN C 55 -8.30 -2.99 -1.91
N ILE C 56 -6.99 -3.15 -1.99
CA ILE C 56 -6.36 -3.32 -3.28
C ILE C 56 -6.94 -4.57 -3.92
N GLU C 57 -7.16 -5.58 -3.10
CA GLU C 57 -7.74 -6.81 -3.61
C GLU C 57 -9.12 -6.51 -4.20
N GLN C 58 -9.92 -5.72 -3.49
CA GLN C 58 -11.24 -5.39 -4.00
C GLN C 58 -11.07 -4.77 -5.37
N SER C 59 -10.07 -3.89 -5.49
CA SER C 59 -9.84 -3.23 -6.77
C SER C 59 -9.59 -4.23 -7.89
N LYS C 60 -8.70 -5.19 -7.68
CA LYS C 60 -8.41 -6.17 -8.70
C LYS C 60 -9.72 -6.87 -9.07
N TRP C 61 -10.51 -7.24 -8.07
CA TRP C 61 -11.77 -7.93 -8.33
C TRP C 61 -12.62 -7.10 -9.27
N GLN C 62 -12.92 -5.87 -8.88
CA GLN C 62 -13.72 -5.00 -9.72
C GLN C 62 -13.14 -4.96 -11.14
N GLU C 63 -11.88 -4.55 -11.28
CA GLU C 63 -11.27 -4.50 -12.58
C GLU C 63 -11.46 -5.81 -13.35
N GLN C 64 -11.24 -6.94 -12.67
CA GLN C 64 -11.40 -8.22 -13.35
C GLN C 64 -12.83 -8.35 -13.86
N TRP C 65 -13.79 -8.08 -12.97
CA TRP C 65 -15.22 -8.18 -13.32
C TRP C 65 -15.59 -7.33 -14.52
N LYS C 66 -14.89 -6.20 -14.70
CA LYS C 66 -15.12 -5.27 -15.79
C LYS C 66 -14.76 -5.95 -17.12
N LYS C 67 -13.71 -6.76 -17.09
CA LYS C 67 -13.29 -7.45 -18.31
C LYS C 67 -14.17 -8.65 -18.56
N GLU C 68 -14.41 -9.41 -17.50
CA GLU C 68 -15.18 -10.63 -17.60
C GLU C 68 -16.67 -10.49 -17.92
N GLN C 69 -17.30 -9.38 -17.54
CA GLN C 69 -18.74 -9.22 -17.80
C GLN C 69 -19.10 -9.02 -19.25
N ILE C 70 -18.09 -8.81 -20.08
CA ILE C 70 -18.31 -8.64 -21.50
C ILE C 70 -18.93 -9.92 -22.05
N LYS C 71 -18.56 -11.05 -21.48
CA LYS C 71 -19.11 -12.33 -21.91
C LYS C 71 -20.61 -12.38 -21.60
N ALA C 72 -21.13 -11.34 -20.94
CA ALA C 72 -22.54 -11.31 -20.57
C ALA C 72 -23.28 -10.10 -21.17
N LYS C 73 -24.00 -10.35 -22.27
CA LYS C 73 -24.72 -9.30 -22.98
C LYS C 73 -25.82 -8.60 -22.21
N THR C 74 -26.76 -9.37 -21.67
CA THR C 74 -27.87 -8.80 -20.91
C THR C 74 -27.59 -8.86 -19.41
N ASN C 75 -28.30 -8.03 -18.65
CA ASN C 75 -28.09 -7.97 -17.21
C ASN C 75 -28.48 -9.26 -16.54
N ARG C 76 -29.48 -9.94 -17.11
CA ARG C 76 -29.92 -11.21 -16.57
C ARG C 76 -28.70 -12.12 -16.59
N GLU C 77 -27.99 -12.07 -17.71
CA GLU C 77 -26.81 -12.87 -17.90
C GLU C 77 -25.69 -12.48 -16.95
N LYS C 78 -25.51 -11.18 -16.74
CA LYS C 78 -24.48 -10.70 -15.82
C LYS C 78 -24.78 -11.22 -14.42
N PHE C 79 -26.06 -11.19 -14.01
CA PHE C 79 -26.43 -11.67 -12.71
C PHE C 79 -25.99 -13.14 -12.59
N TYR C 80 -26.35 -13.94 -13.59
CA TYR C 80 -25.98 -15.35 -13.62
C TYR C 80 -24.47 -15.54 -13.48
N LEU C 81 -23.72 -14.81 -14.32
CA LEU C 81 -22.27 -14.89 -14.37
C LEU C 81 -21.57 -14.48 -13.10
N TYR C 82 -21.90 -13.29 -12.64
CA TYR C 82 -21.28 -12.78 -11.44
C TYR C 82 -21.42 -13.77 -10.29
N ASN C 83 -22.60 -14.39 -10.18
CA ASN C 83 -22.82 -15.33 -9.09
C ASN C 83 -21.94 -16.53 -9.18
N GLU C 84 -21.94 -17.18 -10.35
CA GLU C 84 -21.10 -18.36 -10.55
C GLU C 84 -19.67 -17.97 -10.22
N LEU C 85 -19.23 -16.85 -10.81
CA LEU C 85 -17.87 -16.35 -10.63
C LEU C 85 -17.52 -16.23 -9.15
N SER C 86 -18.47 -15.71 -8.38
CA SER C 86 -18.27 -15.53 -6.95
C SER C 86 -17.97 -16.86 -6.31
N LEU C 87 -18.68 -17.88 -6.75
CA LEU C 87 -18.50 -19.22 -6.18
C LEU C 87 -17.19 -19.89 -6.62
N THR C 88 -16.98 -19.98 -7.94
CA THR C 88 -15.78 -20.62 -8.45
C THR C 88 -14.46 -19.97 -8.08
N THR C 89 -14.35 -18.65 -8.24
CA THR C 89 -13.10 -17.97 -7.89
C THR C 89 -12.66 -18.11 -6.42
N GLU C 90 -13.58 -18.10 -5.46
CA GLU C 90 -13.16 -18.22 -4.07
C GLU C 90 -12.78 -19.64 -3.72
N TYR C 91 -13.07 -20.58 -4.60
CA TYR C 91 -12.72 -21.95 -4.33
C TYR C 91 -11.21 -22.07 -4.19
N TYR C 92 -10.52 -21.28 -5.02
CA TYR C 92 -9.07 -21.29 -5.04
C TYR C 92 -8.45 -19.91 -4.84
N TYR C 93 -9.02 -19.15 -3.91
CA TYR C 93 -8.55 -17.81 -3.61
C TYR C 93 -7.69 -17.97 -2.37
N PRO C 94 -6.37 -17.83 -2.51
CA PRO C 94 -5.42 -17.97 -1.40
C PRO C 94 -5.74 -17.15 -0.15
N LEU C 95 -5.95 -15.85 -0.33
CA LEU C 95 -6.24 -14.97 0.80
C LEU C 95 -7.45 -15.35 1.62
N GLN C 96 -8.39 -16.05 1.00
CA GLN C 96 -9.62 -16.48 1.65
C GLN C 96 -9.43 -16.92 3.08
N ASN C 97 -8.44 -17.76 3.32
CA ASN C 97 -8.21 -18.26 4.67
C ASN C 97 -7.81 -17.14 5.61
N ALA C 98 -6.89 -16.27 5.17
CA ALA C 98 -6.47 -15.18 6.02
C ALA C 98 -7.63 -14.23 6.30
N ILE C 99 -8.53 -14.10 5.32
CA ILE C 99 -9.70 -13.22 5.48
C ILE C 99 -10.64 -13.78 6.54
N ILE C 100 -11.05 -15.04 6.37
CA ILE C 100 -11.94 -15.70 7.35
C ILE C 100 -11.35 -15.42 8.73
N GLU C 101 -10.07 -15.72 8.87
CA GLU C 101 -9.34 -15.52 10.11
C GLU C 101 -9.49 -14.07 10.59
N PHE C 102 -9.08 -13.12 9.75
CA PHE C 102 -9.17 -11.73 10.11
C PHE C 102 -10.57 -11.28 10.53
N TYR C 103 -11.57 -11.56 9.70
CA TYR C 103 -12.92 -11.13 10.05
C TYR C 103 -13.39 -11.74 11.36
N THR C 104 -13.43 -13.06 11.41
CA THR C 104 -13.87 -13.77 12.60
C THR C 104 -12.93 -13.54 13.77
N GLU C 105 -12.42 -12.32 13.89
CA GLU C 105 -11.49 -11.99 14.95
C GLU C 105 -11.43 -10.48 15.19
N TYR C 106 -12.06 -9.70 14.31
CA TYR C 106 -12.08 -8.25 14.46
C TYR C 106 -13.44 -7.61 14.22
N TYR C 107 -14.48 -8.41 14.00
CA TYR C 107 -15.80 -7.83 13.77
C TYR C 107 -16.37 -7.23 15.03
N LYS C 108 -15.68 -7.46 16.15
CA LYS C 108 -16.08 -6.93 17.46
C LYS C 108 -15.89 -5.41 17.44
N THR C 109 -14.69 -5.00 17.03
CA THR C 109 -14.31 -3.59 16.95
C THR C 109 -15.04 -2.89 15.82
N ASN C 110 -15.70 -1.79 16.15
CA ASN C 110 -16.44 -1.03 15.16
C ASN C 110 -15.48 -0.28 14.25
N SER C 111 -14.34 0.10 14.80
CA SER C 111 -13.33 0.80 14.02
C SER C 111 -13.06 -0.02 12.76
N ILE C 112 -12.64 -1.26 12.96
CA ILE C 112 -12.35 -2.20 11.88
C ILE C 112 -13.60 -2.65 11.13
N ASN C 113 -14.66 -3.02 11.87
CA ASN C 113 -15.90 -3.48 11.25
C ASN C 113 -16.44 -2.41 10.32
N GLU C 114 -16.30 -1.15 10.71
CA GLU C 114 -16.76 -0.05 9.90
C GLU C 114 -16.09 -0.13 8.52
N LYS C 115 -14.77 -0.07 8.53
CA LYS C 115 -13.98 -0.11 7.30
C LYS C 115 -14.35 -1.33 6.46
N MET C 116 -14.56 -2.46 7.11
CA MET C 116 -14.90 -3.67 6.40
C MET C 116 -16.24 -3.58 5.69
N ASN C 117 -17.16 -2.83 6.26
CA ASN C 117 -18.45 -2.69 5.62
C ASN C 117 -18.34 -1.85 4.36
N LYS C 118 -17.44 -0.88 4.36
CA LYS C 118 -17.25 -0.05 3.17
C LYS C 118 -16.75 -0.95 2.04
N LEU C 119 -16.03 -2.00 2.43
CA LEU C 119 -15.46 -2.97 1.51
C LEU C 119 -16.55 -3.89 0.94
N GLU C 120 -17.39 -4.41 1.84
CA GLU C 120 -18.48 -5.30 1.48
C GLU C 120 -19.46 -4.51 0.62
N ASN C 121 -19.49 -3.20 0.81
CA ASN C 121 -20.39 -2.35 0.04
C ASN C 121 -19.99 -2.43 -1.41
N LYS C 122 -18.69 -2.24 -1.66
CA LYS C 122 -18.16 -2.29 -3.01
C LYS C 122 -18.60 -3.58 -3.71
N TYR C 123 -18.64 -4.69 -2.98
CA TYR C 123 -19.07 -5.94 -3.57
C TYR C 123 -20.53 -5.77 -3.99
N ILE C 124 -21.33 -5.25 -3.07
CA ILE C 124 -22.74 -5.07 -3.36
C ILE C 124 -23.02 -4.14 -4.53
N ASP C 125 -22.17 -3.14 -4.72
CA ASP C 125 -22.39 -2.20 -5.81
C ASP C 125 -22.60 -2.94 -7.13
N ALA C 126 -21.80 -3.97 -7.36
CA ALA C 126 -21.91 -4.73 -8.60
C ALA C 126 -23.35 -5.10 -8.89
N TYR C 127 -24.02 -5.67 -7.88
CA TYR C 127 -25.41 -6.10 -8.00
C TYR C 127 -26.29 -4.89 -8.25
N HIS C 128 -25.97 -3.78 -7.59
CA HIS C 128 -26.74 -2.57 -7.76
C HIS C 128 -26.69 -2.13 -9.23
N VAL C 129 -25.51 -2.15 -9.82
CA VAL C 129 -25.36 -1.76 -11.22
C VAL C 129 -26.16 -2.67 -12.15
N ILE C 130 -26.03 -3.97 -11.94
CA ILE C 130 -26.72 -4.97 -12.75
C ILE C 130 -28.23 -4.72 -12.69
N PHE C 131 -28.74 -4.56 -11.47
CA PHE C 131 -30.16 -4.32 -11.28
C PHE C 131 -30.61 -2.98 -11.84
N LYS C 132 -29.85 -1.91 -11.62
CA LYS C 132 -30.26 -0.61 -12.16
C LYS C 132 -30.37 -0.73 -13.67
N GLU C 133 -29.27 -1.14 -14.31
CA GLU C 133 -29.22 -1.31 -15.75
C GLU C 133 -30.37 -2.20 -16.20
N GLY C 134 -30.62 -3.27 -15.45
CA GLY C 134 -31.68 -4.19 -15.79
C GLY C 134 -33.03 -3.51 -15.90
N ASN C 135 -33.23 -2.50 -15.06
CA ASN C 135 -34.47 -1.73 -15.10
C ASN C 135 -34.51 -0.96 -16.42
N LEU C 136 -33.51 -0.11 -16.64
CA LEU C 136 -33.41 0.69 -17.85
C LEU C 136 -33.47 -0.10 -19.16
N ASN C 137 -33.55 -1.42 -19.07
CA ASN C 137 -33.61 -2.25 -20.28
C ASN C 137 -34.82 -3.15 -20.25
N GLY C 138 -35.68 -2.93 -19.26
CA GLY C 138 -36.87 -3.72 -19.15
C GLY C 138 -36.63 -5.21 -19.07
N GLU C 139 -35.58 -5.62 -18.36
CA GLU C 139 -35.31 -7.04 -18.21
C GLU C 139 -36.11 -7.38 -16.96
N TRP C 140 -36.35 -6.36 -16.17
CA TRP C 140 -37.12 -6.49 -14.94
C TRP C 140 -37.50 -5.10 -14.45
N SER C 141 -38.31 -5.05 -13.40
CA SER C 141 -38.74 -3.77 -12.83
C SER C 141 -38.55 -3.81 -11.32
N ILE C 142 -37.41 -3.30 -10.86
CA ILE C 142 -37.14 -3.29 -9.43
C ILE C 142 -37.12 -1.84 -8.97
N ASN C 143 -37.92 -1.52 -7.97
CA ASN C 143 -37.96 -0.15 -7.47
C ASN C 143 -37.16 0.02 -6.18
N ASP C 144 -36.84 -1.10 -5.53
CA ASP C 144 -36.05 -1.07 -4.30
C ASP C 144 -34.67 -1.70 -4.54
N VAL C 145 -34.01 -1.23 -5.60
CA VAL C 145 -32.69 -1.73 -5.97
C VAL C 145 -31.73 -1.90 -4.81
N ASN C 146 -31.42 -0.83 -4.10
CA ASN C 146 -30.52 -0.93 -2.95
C ASN C 146 -30.77 -2.17 -2.11
N ALA C 147 -32.04 -2.51 -1.90
CA ALA C 147 -32.39 -3.67 -1.09
C ALA C 147 -32.10 -4.96 -1.83
N VAL C 148 -32.81 -5.15 -2.94
CA VAL C 148 -32.61 -6.34 -3.74
C VAL C 148 -31.11 -6.64 -3.89
N SER C 149 -30.32 -5.59 -4.07
CA SER C 149 -28.88 -5.74 -4.21
C SER C 149 -28.24 -6.37 -2.96
N LYS C 150 -28.44 -5.77 -1.79
CA LYS C 150 -27.86 -6.32 -0.57
C LYS C 150 -28.34 -7.76 -0.39
N ILE C 151 -29.61 -8.00 -0.66
CA ILE C 151 -30.17 -9.33 -0.50
C ILE C 151 -29.45 -10.33 -1.38
N ALA C 152 -29.43 -10.08 -2.69
CA ALA C 152 -28.75 -10.97 -3.61
C ALA C 152 -27.36 -11.22 -3.06
N ALA C 153 -26.59 -10.14 -2.97
CA ALA C 153 -25.24 -10.19 -2.45
C ALA C 153 -25.07 -11.16 -1.29
N ASN C 154 -25.83 -10.97 -0.22
CA ASN C 154 -25.71 -11.84 0.93
C ASN C 154 -26.22 -13.27 0.75
N ALA C 155 -27.21 -13.45 -0.10
CA ALA C 155 -27.74 -14.80 -0.34
C ALA C 155 -26.65 -15.58 -1.08
N VAL C 156 -26.01 -14.91 -2.03
CA VAL C 156 -24.96 -15.53 -2.79
C VAL C 156 -23.80 -15.87 -1.85
N ASN C 157 -23.41 -14.94 -0.97
CA ASN C 157 -22.31 -15.25 -0.05
C ASN C 157 -22.67 -16.49 0.74
N GLY C 158 -23.96 -16.63 1.05
CA GLY C 158 -24.43 -17.78 1.81
C GLY C 158 -24.20 -19.09 1.08
N ILE C 159 -24.67 -19.15 -0.16
CA ILE C 159 -24.52 -20.35 -0.98
C ILE C 159 -23.04 -20.67 -1.21
N VAL C 160 -22.21 -19.63 -1.29
CA VAL C 160 -20.78 -19.84 -1.49
C VAL C 160 -20.09 -20.36 -0.24
N THR C 161 -20.42 -19.76 0.90
CA THR C 161 -19.78 -20.10 2.16
C THR C 161 -20.17 -21.37 2.87
N PHE C 162 -21.46 -21.63 2.96
CA PHE C 162 -21.90 -22.80 3.69
C PHE C 162 -22.21 -24.03 2.86
N THR C 163 -21.44 -24.24 1.81
CA THR C 163 -21.68 -25.38 0.94
C THR C 163 -20.38 -26.10 0.60
N HIS C 164 -19.28 -25.35 0.64
CA HIS C 164 -17.93 -25.85 0.33
C HIS C 164 -17.85 -27.37 0.17
N GLU C 165 -18.34 -28.07 1.21
CA GLU C 165 -18.34 -29.53 1.27
C GLU C 165 -19.35 -30.25 0.37
N GLN C 166 -19.14 -30.19 -0.94
CA GLN C 166 -20.00 -30.84 -1.93
C GLN C 166 -19.26 -30.81 -3.26
N ASN C 167 -19.56 -31.77 -4.12
CA ASN C 167 -18.95 -31.84 -5.45
C ASN C 167 -19.04 -30.47 -6.13
N ILE C 168 -17.90 -29.95 -6.58
CA ILE C 168 -17.82 -28.65 -7.22
C ILE C 168 -18.89 -28.33 -8.25
N ASN C 169 -19.31 -29.32 -9.02
CA ASN C 169 -20.33 -29.08 -10.03
C ASN C 169 -21.67 -28.86 -9.39
N GLU C 170 -22.02 -29.73 -8.45
CA GLU C 170 -23.28 -29.63 -7.74
C GLU C 170 -23.43 -28.18 -7.26
N ARG C 171 -22.42 -27.72 -6.52
CA ARG C 171 -22.38 -26.36 -6.03
C ARG C 171 -22.72 -25.38 -7.14
N ILE C 172 -21.99 -25.48 -8.25
CA ILE C 172 -22.25 -24.58 -9.38
C ILE C 172 -23.68 -24.73 -9.89
N LYS C 173 -24.22 -25.95 -9.83
CA LYS C 173 -25.58 -26.21 -10.30
C LYS C 173 -26.59 -25.49 -9.39
N LEU C 174 -26.45 -25.70 -8.09
CA LEU C 174 -27.34 -25.08 -7.13
C LEU C 174 -27.29 -23.58 -7.29
N MET C 175 -26.11 -23.03 -7.47
CA MET C 175 -25.96 -21.59 -7.63
C MET C 175 -26.76 -21.14 -8.83
N ASN C 176 -26.51 -21.74 -9.99
CA ASN C 176 -27.25 -21.34 -11.18
C ASN C 176 -28.76 -21.49 -11.01
N LYS C 177 -29.17 -22.49 -10.25
CA LYS C 177 -30.60 -22.69 -10.00
C LYS C 177 -31.11 -21.50 -9.22
N PHE C 178 -30.40 -21.16 -8.14
CA PHE C 178 -30.77 -20.02 -7.31
C PHE C 178 -30.92 -18.74 -8.12
N SER C 179 -29.97 -18.47 -9.01
CA SER C 179 -30.04 -17.26 -9.83
C SER C 179 -31.27 -17.30 -10.69
N GLN C 180 -31.75 -18.51 -10.97
CA GLN C 180 -32.92 -18.64 -11.82
C GLN C 180 -34.18 -18.34 -11.03
N ILE C 181 -34.27 -18.92 -9.84
CA ILE C 181 -35.41 -18.72 -8.96
C ILE C 181 -35.50 -17.25 -8.60
N PHE C 182 -34.40 -16.69 -8.11
CA PHE C 182 -34.36 -15.30 -7.69
C PHE C 182 -34.76 -14.35 -8.81
N LEU C 183 -34.12 -14.48 -9.95
CA LEU C 183 -34.41 -13.59 -11.05
C LEU C 183 -35.87 -13.71 -11.50
N ASN C 184 -36.45 -14.89 -11.31
CA ASN C 184 -37.84 -15.11 -11.72
C ASN C 184 -38.83 -14.47 -10.75
N GLY C 185 -38.43 -14.31 -9.49
CA GLY C 185 -39.31 -13.70 -8.51
C GLY C 185 -39.31 -12.18 -8.52
N LEU C 186 -38.92 -11.60 -9.65
CA LEU C 186 -38.88 -10.16 -9.78
C LEU C 186 -39.79 -9.77 -10.95
N SER C 187 -40.41 -10.78 -11.56
CA SER C 187 -41.29 -10.59 -12.72
C SER C 187 -42.80 -10.53 -12.37
N ASN D 2 5.86 3.56 22.93
CA ASN D 2 7.04 4.02 22.14
C ASN D 2 6.69 5.27 21.34
N LEU D 3 5.89 6.17 21.91
CA LEU D 3 5.51 7.40 21.22
C LEU D 3 6.75 8.04 20.60
N LYS D 4 7.86 7.95 21.31
CA LYS D 4 9.11 8.50 20.81
C LYS D 4 9.37 7.92 19.41
N ASP D 5 9.42 6.60 19.32
CA ASP D 5 9.67 5.94 18.05
C ASP D 5 8.62 6.20 16.95
N LYS D 6 7.39 6.51 17.34
CA LYS D 6 6.36 6.80 16.37
C LYS D 6 6.60 8.24 15.89
N ILE D 7 7.06 9.11 16.81
CA ILE D 7 7.33 10.49 16.43
C ILE D 7 8.44 10.37 15.39
N LEU D 8 9.54 9.74 15.78
CA LEU D 8 10.67 9.55 14.88
C LEU D 8 10.34 8.91 13.54
N GLY D 9 9.46 7.90 13.56
CA GLY D 9 9.07 7.19 12.35
C GLY D 9 8.32 8.09 11.38
N VAL D 10 7.22 8.67 11.85
CA VAL D 10 6.40 9.54 11.03
C VAL D 10 7.24 10.73 10.62
N ALA D 11 8.07 11.21 11.56
CA ALA D 11 8.93 12.35 11.29
C ALA D 11 9.87 12.08 10.10
N LYS D 12 10.61 10.97 10.16
CA LYS D 12 11.53 10.64 9.09
C LYS D 12 10.84 10.61 7.74
N GLU D 13 9.71 9.91 7.64
CA GLU D 13 9.01 9.82 6.36
C GLU D 13 8.56 11.18 5.88
N LEU D 14 7.82 11.91 6.72
CA LEU D 14 7.34 13.24 6.34
C LEU D 14 8.45 14.11 5.79
N PHE D 15 9.60 14.16 6.46
CA PHE D 15 10.70 14.97 5.94
C PHE D 15 11.08 14.47 4.53
N ILE D 16 11.21 13.16 4.37
CA ILE D 16 11.55 12.57 3.08
C ILE D 16 10.57 12.89 1.97
N LYS D 17 9.31 13.08 2.32
CA LYS D 17 8.29 13.35 1.32
C LYS D 17 8.01 14.82 1.08
N ASN D 18 8.05 15.61 2.15
CA ASN D 18 7.74 17.04 2.05
C ASN D 18 8.94 17.98 2.04
N GLY D 19 10.06 17.53 2.59
CA GLY D 19 11.22 18.39 2.66
C GLY D 19 11.26 18.83 4.10
N TYR D 20 12.23 19.66 4.47
CA TYR D 20 12.32 20.09 5.87
C TYR D 20 11.34 21.19 6.25
N ASN D 21 11.09 22.12 5.35
CA ASN D 21 10.21 23.23 5.66
C ASN D 21 8.72 22.95 5.75
N ALA D 22 8.17 22.22 4.78
CA ALA D 22 6.75 21.93 4.81
C ALA D 22 6.36 20.93 5.89
N THR D 23 7.36 20.33 6.53
CA THR D 23 7.06 19.36 7.58
C THR D 23 6.89 20.09 8.90
N THR D 24 5.65 20.23 9.34
CA THR D 24 5.39 20.90 10.61
C THR D 24 5.27 19.94 11.77
N THR D 25 5.67 20.42 12.93
CA THR D 25 5.67 19.64 14.15
C THR D 25 4.28 19.12 14.49
N GLY D 26 3.25 19.89 14.16
CA GLY D 26 1.89 19.45 14.43
C GLY D 26 1.54 18.21 13.63
N GLU D 27 1.71 18.34 12.32
CA GLU D 27 1.46 17.27 11.34
C GLU D 27 2.06 15.97 11.84
N ILE D 28 3.36 16.02 12.14
CA ILE D 28 4.04 14.85 12.68
C ILE D 28 3.20 14.28 13.83
N VAL D 29 2.96 15.10 14.84
CA VAL D 29 2.19 14.70 16.00
C VAL D 29 0.85 14.07 15.64
N LYS D 30 0.16 14.67 14.67
CA LYS D 30 -1.14 14.16 14.23
C LYS D 30 -1.01 12.70 13.77
N LEU D 31 -0.14 12.47 12.78
CA LEU D 31 0.09 11.14 12.22
C LEU D 31 0.78 10.14 13.13
N SER D 32 1.33 10.60 14.24
CA SER D 32 2.01 9.69 15.17
C SER D 32 1.13 9.46 16.37
N GLU D 33 -0.10 9.97 16.28
CA GLU D 33 -1.05 9.84 17.39
C GLU D 33 -0.34 10.18 18.68
N SER D 34 0.14 11.41 18.75
CA SER D 34 0.87 11.93 19.89
C SER D 34 0.37 13.37 20.09
N SER D 35 1.08 14.12 20.94
CA SER D 35 0.71 15.51 21.20
C SER D 35 1.91 16.43 21.03
N LYS D 36 1.66 17.64 20.52
CA LYS D 36 2.70 18.64 20.34
C LYS D 36 3.47 18.69 21.66
N GLY D 37 2.74 18.75 22.77
CA GLY D 37 3.37 18.77 24.07
C GLY D 37 4.27 17.55 24.20
N ASN D 38 3.66 16.39 24.00
CA ASN D 38 4.39 15.14 24.07
C ASN D 38 5.66 15.16 23.20
N LEU D 39 5.54 15.70 21.99
CA LEU D 39 6.67 15.75 21.08
C LEU D 39 7.81 16.60 21.61
N TYR D 40 7.48 17.84 21.99
CA TYR D 40 8.48 18.78 22.49
C TYR D 40 9.25 18.22 23.67
N TYR D 41 8.55 17.54 24.57
CA TYR D 41 9.22 16.96 25.73
C TYR D 41 10.37 16.06 25.30
N HIS D 42 10.05 15.05 24.47
CA HIS D 42 11.05 14.09 23.98
C HIS D 42 12.18 14.71 23.15
N PHE D 43 11.81 15.65 22.30
CA PHE D 43 12.79 16.33 21.46
C PHE D 43 12.59 17.83 21.70
N LYS D 44 13.65 18.51 22.14
CA LYS D 44 13.55 19.94 22.45
C LYS D 44 12.79 20.72 21.41
N THR D 45 13.31 20.74 20.19
CA THR D 45 12.68 21.47 19.10
C THR D 45 12.63 20.60 17.86
N LYS D 46 12.02 21.13 16.81
CA LYS D 46 11.92 20.43 15.56
C LYS D 46 13.30 20.15 14.98
N GLU D 47 14.14 21.17 14.90
CA GLU D 47 15.48 20.98 14.34
C GLU D 47 16.25 19.96 15.17
N ASN D 48 15.99 19.92 16.47
CA ASN D 48 16.67 18.95 17.29
C ASN D 48 16.15 17.56 16.88
N LEU D 49 14.84 17.46 16.65
CA LEU D 49 14.25 16.20 16.25
C LEU D 49 14.94 15.75 14.96
N PHE D 50 14.94 16.63 13.97
CA PHE D 50 15.55 16.31 12.69
C PHE D 50 16.98 15.87 12.85
N LEU D 51 17.70 16.55 13.74
CA LEU D 51 19.09 16.22 13.98
C LEU D 51 19.25 14.77 14.47
N GLU D 52 18.45 14.37 15.44
CA GLU D 52 18.54 13.00 15.96
C GLU D 52 18.28 12.00 14.86
N ILE D 53 17.24 12.26 14.08
CA ILE D 53 16.92 11.38 12.96
C ILE D 53 18.19 11.24 12.12
N LEU D 54 18.74 12.40 11.76
CA LEU D 54 19.95 12.45 10.96
C LEU D 54 21.07 11.60 11.57
N ASN D 55 21.10 11.52 12.89
CA ASN D 55 22.13 10.72 13.55
C ASN D 55 21.84 9.23 13.33
N ILE D 56 20.67 8.81 13.84
CA ILE D 56 20.23 7.42 13.69
C ILE D 56 20.45 6.97 12.24
N GLU D 57 20.00 7.78 11.28
CA GLU D 57 20.17 7.42 9.88
C GLU D 57 21.62 7.05 9.54
N GLN D 58 22.56 7.97 9.73
CA GLN D 58 23.93 7.68 9.38
C GLN D 58 24.46 6.49 10.15
N SER D 59 24.05 6.36 11.40
CA SER D 59 24.50 5.24 12.20
C SER D 59 24.04 3.93 11.53
N LYS D 60 22.76 3.85 11.17
CA LYS D 60 22.25 2.65 10.52
C LYS D 60 23.06 2.40 9.23
N TRP D 61 23.43 3.48 8.55
CA TRP D 61 24.20 3.39 7.30
C TRP D 61 25.59 2.80 7.55
N GLN D 62 26.25 3.24 8.62
CA GLN D 62 27.58 2.72 8.90
C GLN D 62 27.49 1.23 9.14
N GLU D 63 26.55 0.82 9.99
CA GLU D 63 26.37 -0.59 10.30
C GLU D 63 26.12 -1.41 9.03
N GLN D 64 25.27 -0.90 8.15
CA GLN D 64 24.96 -1.59 6.91
C GLN D 64 26.22 -1.73 6.04
N TRP D 65 27.02 -0.66 5.97
CA TRP D 65 28.25 -0.73 5.18
C TRP D 65 29.24 -1.67 5.86
N LYS D 66 29.28 -1.62 7.19
CA LYS D 66 30.18 -2.46 7.96
C LYS D 66 30.00 -3.90 7.53
N LYS D 67 28.73 -4.29 7.37
CA LYS D 67 28.40 -5.62 6.95
C LYS D 67 28.62 -5.83 5.45
N GLU D 68 28.04 -4.97 4.64
CA GLU D 68 28.14 -5.10 3.20
C GLU D 68 29.53 -5.15 2.59
N GLN D 69 30.46 -4.33 3.08
CA GLN D 69 31.81 -4.27 2.50
C GLN D 69 32.56 -5.59 2.47
N ILE D 70 32.36 -6.41 3.49
CA ILE D 70 33.01 -7.70 3.55
C ILE D 70 32.84 -8.47 2.25
N LYS D 71 31.75 -8.19 1.53
CA LYS D 71 31.46 -8.85 0.25
C LYS D 71 32.40 -8.46 -0.87
N ALA D 72 33.04 -7.30 -0.73
CA ALA D 72 33.97 -6.82 -1.73
C ALA D 72 35.41 -7.11 -1.33
N LYS D 73 36.10 -7.83 -2.20
CA LYS D 73 37.49 -8.22 -1.99
C LYS D 73 38.38 -6.99 -1.98
N THR D 74 38.53 -6.40 -3.15
CA THR D 74 39.38 -5.23 -3.34
C THR D 74 38.66 -3.92 -3.02
N ASN D 75 39.42 -2.83 -3.01
CA ASN D 75 38.88 -1.50 -2.76
C ASN D 75 38.25 -1.02 -4.05
N ARG D 76 38.87 -1.39 -5.18
CA ARG D 76 38.38 -1.01 -6.50
C ARG D 76 36.94 -1.51 -6.57
N GLU D 77 36.64 -2.56 -5.82
CA GLU D 77 35.30 -3.13 -5.80
C GLU D 77 34.43 -2.47 -4.73
N LYS D 78 34.96 -2.36 -3.51
CA LYS D 78 34.20 -1.74 -2.44
C LYS D 78 33.60 -0.41 -2.92
N PHE D 79 34.34 0.31 -3.75
CA PHE D 79 33.89 1.58 -4.29
C PHE D 79 32.63 1.37 -5.13
N TYR D 80 32.62 0.33 -5.95
CA TYR D 80 31.46 0.01 -6.78
C TYR D 80 30.29 -0.33 -5.87
N LEU D 81 30.48 -1.36 -5.04
CA LEU D 81 29.46 -1.83 -4.10
C LEU D 81 28.84 -0.68 -3.31
N TYR D 82 29.68 0.20 -2.78
CA TYR D 82 29.18 1.32 -2.00
C TYR D 82 28.24 2.23 -2.79
N ASN D 83 28.68 2.68 -3.98
CA ASN D 83 27.87 3.56 -4.81
C ASN D 83 26.55 2.91 -5.19
N GLU D 84 26.51 1.59 -5.17
CA GLU D 84 25.29 0.86 -5.52
C GLU D 84 24.35 0.87 -4.32
N LEU D 85 24.91 0.60 -3.14
CA LEU D 85 24.13 0.59 -1.93
C LEU D 85 23.43 1.94 -1.80
N SER D 86 24.14 3.01 -2.13
CA SER D 86 23.57 4.35 -2.04
C SER D 86 22.28 4.44 -2.84
N LEU D 87 22.16 3.61 -3.87
CA LEU D 87 20.97 3.59 -4.70
C LEU D 87 19.80 2.82 -4.11
N THR D 88 20.06 1.92 -3.16
CA THR D 88 19.01 1.10 -2.59
C THR D 88 18.69 1.36 -1.13
N THR D 89 19.70 1.33 -0.26
CA THR D 89 19.50 1.57 1.18
C THR D 89 18.39 2.60 1.49
N GLU D 90 17.65 2.34 2.55
CA GLU D 90 16.58 3.26 2.92
C GLU D 90 17.17 4.27 3.90
N TYR D 91 18.50 4.22 4.04
CA TYR D 91 19.17 5.09 4.99
C TYR D 91 19.87 6.31 4.40
N TYR D 92 19.75 7.41 5.14
CA TYR D 92 20.35 8.69 4.78
C TYR D 92 20.03 9.25 3.39
N TYR D 93 20.50 8.59 2.33
CA TYR D 93 20.27 9.10 0.98
C TYR D 93 18.86 9.61 0.63
N PRO D 94 17.81 9.07 1.27
CA PRO D 94 16.46 9.57 0.93
C PRO D 94 16.12 10.90 1.57
N LEU D 95 16.89 11.28 2.61
CA LEU D 95 16.68 12.52 3.37
C LEU D 95 17.52 13.71 2.89
N GLN D 96 18.34 13.51 1.87
CA GLN D 96 19.20 14.56 1.33
C GLN D 96 18.50 15.89 1.13
N ASN D 97 17.47 15.90 0.28
CA ASN D 97 16.77 17.14 0.04
C ASN D 97 16.45 17.90 1.32
N ALA D 98 15.85 17.20 2.28
CA ALA D 98 15.50 17.84 3.54
C ALA D 98 16.76 18.24 4.31
N ILE D 99 17.87 17.54 4.06
CA ILE D 99 19.12 17.88 4.73
C ILE D 99 19.69 19.16 4.16
N ILE D 100 19.78 19.24 2.84
CA ILE D 100 20.30 20.44 2.23
C ILE D 100 19.42 21.60 2.67
N GLU D 101 18.11 21.43 2.56
CA GLU D 101 17.18 22.46 2.99
C GLU D 101 17.53 22.92 4.42
N PHE D 102 17.60 21.95 5.33
CA PHE D 102 17.90 22.20 6.75
C PHE D 102 19.26 22.85 6.95
N TYR D 103 20.25 22.41 6.19
CA TYR D 103 21.60 22.96 6.32
C TYR D 103 21.68 24.41 5.85
N THR D 104 21.20 24.71 4.64
CA THR D 104 21.28 26.08 4.18
C THR D 104 20.47 26.96 5.11
N GLU D 105 19.62 26.37 5.93
CA GLU D 105 18.81 27.18 6.82
C GLU D 105 19.35 27.44 8.22
N TYR D 106 20.17 26.54 8.76
CA TYR D 106 20.71 26.75 10.09
C TYR D 106 22.22 26.58 10.10
N TYR D 107 22.87 26.91 9.00
CA TYR D 107 24.32 26.78 8.95
C TYR D 107 25.00 28.00 9.56
N LYS D 108 24.20 28.86 10.16
CA LYS D 108 24.72 30.04 10.81
C LYS D 108 24.84 29.76 12.31
N THR D 109 23.92 28.94 12.83
CA THR D 109 23.92 28.58 14.24
C THR D 109 25.19 27.79 14.56
N ASN D 110 25.86 28.19 15.65
CA ASN D 110 27.11 27.58 16.10
C ASN D 110 27.06 26.06 16.25
N SER D 111 26.34 25.61 17.27
CA SER D 111 26.22 24.18 17.56
C SER D 111 25.74 23.35 16.38
N ILE D 112 24.59 23.72 15.82
CA ILE D 112 24.03 22.98 14.69
C ILE D 112 25.11 22.79 13.63
N ASN D 113 25.53 23.88 13.00
CA ASN D 113 26.54 23.80 11.96
C ASN D 113 27.69 22.83 12.32
N GLU D 114 28.04 22.73 13.59
CA GLU D 114 29.12 21.83 13.99
C GLU D 114 28.67 20.38 13.97
N LYS D 115 27.56 20.11 14.63
CA LYS D 115 27.01 18.76 14.67
C LYS D 115 26.88 18.33 13.22
N MET D 116 26.30 19.25 12.44
CA MET D 116 26.03 19.08 11.03
C MET D 116 27.28 18.72 10.22
N ASN D 117 28.41 19.33 10.55
CA ASN D 117 29.63 19.05 9.80
C ASN D 117 30.30 17.76 10.27
N LYS D 118 30.10 17.40 11.53
CA LYS D 118 30.68 16.17 12.03
C LYS D 118 30.03 15.05 11.21
N LEU D 119 28.73 15.20 10.96
CA LEU D 119 27.99 14.25 10.16
C LEU D 119 28.57 14.21 8.74
N GLU D 120 28.51 15.36 8.06
CA GLU D 120 29.01 15.46 6.68
C GLU D 120 30.34 14.76 6.56
N ASN D 121 31.09 14.71 7.65
CA ASN D 121 32.40 14.08 7.65
C ASN D 121 32.35 12.56 7.64
N LYS D 122 31.57 11.98 8.56
CA LYS D 122 31.45 10.53 8.61
C LYS D 122 30.99 9.96 7.27
N TYR D 123 30.09 10.66 6.60
CA TYR D 123 29.62 10.16 5.31
C TYR D 123 30.78 10.07 4.34
N ILE D 124 31.65 11.06 4.38
CA ILE D 124 32.80 11.09 3.49
C ILE D 124 33.88 10.08 3.87
N ASP D 125 34.09 9.90 5.16
CA ASP D 125 35.14 8.98 5.59
C ASP D 125 35.06 7.65 4.86
N ALA D 126 33.84 7.22 4.57
CA ALA D 126 33.65 5.95 3.88
C ALA D 126 34.50 5.94 2.61
N TYR D 127 34.43 7.04 1.87
CA TYR D 127 35.19 7.18 0.63
C TYR D 127 36.66 7.38 0.95
N HIS D 128 36.92 7.91 2.14
CA HIS D 128 38.28 8.16 2.56
C HIS D 128 39.04 6.83 2.78
N VAL D 129 38.41 5.93 3.53
CA VAL D 129 39.00 4.64 3.81
C VAL D 129 39.27 3.83 2.56
N ILE D 130 38.31 3.86 1.62
CA ILE D 130 38.45 3.12 0.38
C ILE D 130 39.66 3.57 -0.42
N PHE D 131 39.74 4.87 -0.70
CA PHE D 131 40.85 5.42 -1.48
C PHE D 131 42.19 5.30 -0.78
N LYS D 132 42.21 5.57 0.52
CA LYS D 132 43.46 5.45 1.27
C LYS D 132 43.98 4.03 1.14
N GLU D 133 43.14 3.05 1.45
CA GLU D 133 43.54 1.65 1.36
C GLU D 133 43.93 1.29 -0.05
N GLY D 134 43.18 1.81 -1.01
CA GLY D 134 43.49 1.53 -2.40
C GLY D 134 44.93 1.94 -2.67
N ASN D 135 45.32 3.09 -2.11
CA ASN D 135 46.67 3.61 -2.27
C ASN D 135 47.70 2.57 -1.83
N LEU D 136 47.62 2.20 -0.55
CA LEU D 136 48.56 1.23 -0.03
C LEU D 136 48.18 -0.21 -0.34
N ASN D 137 47.73 -0.43 -1.57
CA ASN D 137 47.35 -1.75 -2.06
C ASN D 137 47.57 -1.77 -3.57
N GLY D 138 48.15 -0.67 -4.06
CA GLY D 138 48.46 -0.54 -5.46
C GLY D 138 47.31 -0.53 -6.42
N GLU D 139 46.10 -0.36 -5.91
CA GLU D 139 44.93 -0.32 -6.77
C GLU D 139 44.92 1.01 -7.49
N TRP D 140 45.68 1.96 -6.95
CA TRP D 140 45.77 3.29 -7.52
C TRP D 140 46.64 4.16 -6.62
N SER D 141 46.83 5.40 -7.04
CA SER D 141 47.59 6.36 -6.27
C SER D 141 46.79 7.66 -6.35
N ILE D 142 46.45 8.23 -5.19
CA ILE D 142 45.66 9.46 -5.19
C ILE D 142 46.39 10.67 -4.64
N ASN D 143 46.44 11.72 -5.44
CA ASN D 143 47.05 12.97 -5.08
C ASN D 143 46.58 13.35 -3.68
N ASP D 144 45.39 13.94 -3.62
CA ASP D 144 44.79 14.34 -2.35
C ASP D 144 43.47 13.60 -2.17
N VAL D 145 43.50 12.56 -1.35
CA VAL D 145 42.32 11.75 -1.05
C VAL D 145 41.11 12.58 -0.62
N ASN D 146 41.33 13.45 0.38
CA ASN D 146 40.26 14.30 0.86
C ASN D 146 39.47 14.95 -0.27
N ALA D 147 40.18 15.48 -1.26
CA ALA D 147 39.50 16.11 -2.38
C ALA D 147 38.67 15.08 -3.13
N VAL D 148 39.36 14.08 -3.68
CA VAL D 148 38.71 13.02 -4.42
C VAL D 148 37.52 12.42 -3.65
N SER D 149 37.69 12.21 -2.34
CA SER D 149 36.63 11.65 -1.52
C SER D 149 35.38 12.54 -1.51
N LYS D 150 35.59 13.83 -1.27
CA LYS D 150 34.50 14.79 -1.26
C LYS D 150 33.85 14.79 -2.63
N ILE D 151 34.66 14.72 -3.67
CA ILE D 151 34.12 14.71 -5.03
C ILE D 151 33.23 13.50 -5.23
N ALA D 152 33.76 12.31 -4.98
CA ALA D 152 32.99 11.08 -5.14
C ALA D 152 31.64 11.16 -4.42
N ALA D 153 31.70 11.24 -3.09
CA ALA D 153 30.48 11.31 -2.27
C ALA D 153 29.41 12.23 -2.88
N ASN D 154 29.79 13.47 -3.12
CA ASN D 154 28.84 14.42 -3.70
C ASN D 154 28.34 13.96 -5.06
N ALA D 155 29.25 13.61 -5.95
CA ALA D 155 28.86 13.17 -7.28
C ALA D 155 27.90 11.99 -7.20
N VAL D 156 28.21 11.02 -6.34
CA VAL D 156 27.33 9.87 -6.23
C VAL D 156 25.95 10.31 -5.73
N ASN D 157 25.95 11.07 -4.65
CA ASN D 157 24.71 11.53 -4.05
C ASN D 157 23.89 12.28 -5.10
N GLY D 158 24.58 12.75 -6.12
CA GLY D 158 23.88 13.45 -7.18
C GLY D 158 23.19 12.47 -8.10
N ILE D 159 23.86 11.35 -8.39
CA ILE D 159 23.32 10.30 -9.27
C ILE D 159 22.11 9.73 -8.57
N VAL D 160 22.29 9.45 -7.30
CA VAL D 160 21.25 8.87 -6.46
C VAL D 160 20.02 9.77 -6.38
N THR D 161 20.17 11.03 -5.98
CA THR D 161 19.00 11.86 -5.86
C THR D 161 18.51 12.62 -7.08
N PHE D 162 19.03 12.33 -8.26
CA PHE D 162 18.57 13.03 -9.46
C PHE D 162 18.21 12.04 -10.57
N THR D 163 18.08 10.76 -10.22
CA THR D 163 17.69 9.77 -11.20
C THR D 163 16.57 8.92 -10.64
N HIS D 164 15.76 9.48 -9.74
CA HIS D 164 14.65 8.72 -9.16
C HIS D 164 13.52 8.53 -10.18
N GLU D 165 13.93 8.07 -11.35
CA GLU D 165 13.03 7.84 -12.47
C GLU D 165 12.95 6.35 -12.80
N GLN D 166 13.62 5.96 -13.88
CA GLN D 166 13.62 4.59 -14.37
C GLN D 166 13.71 3.56 -13.26
N ASN D 167 13.58 2.31 -13.65
CA ASN D 167 13.64 1.19 -12.71
C ASN D 167 15.02 1.11 -12.07
N ILE D 168 15.05 0.57 -10.85
CA ILE D 168 16.29 0.44 -10.09
C ILE D 168 17.48 -0.06 -10.90
N ASN D 169 17.28 -1.08 -11.72
CA ASN D 169 18.37 -1.64 -12.49
C ASN D 169 18.98 -0.69 -13.50
N GLU D 170 18.17 0.19 -14.08
CA GLU D 170 18.72 1.14 -15.03
C GLU D 170 19.62 2.10 -14.26
N ARG D 171 19.20 2.47 -13.05
CA ARG D 171 20.01 3.35 -12.21
C ARG D 171 21.32 2.62 -11.90
N ILE D 172 21.19 1.42 -11.36
CA ILE D 172 22.38 0.64 -11.04
C ILE D 172 23.31 0.55 -12.25
N LYS D 173 22.73 0.56 -13.44
CA LYS D 173 23.53 0.48 -14.66
C LYS D 173 24.36 1.74 -14.78
N LEU D 174 23.70 2.89 -14.68
CA LEU D 174 24.41 4.17 -14.77
C LEU D 174 25.46 4.33 -13.66
N MET D 175 25.10 3.95 -12.42
CA MET D 175 26.04 4.07 -11.30
C MET D 175 27.31 3.25 -11.51
N ASN D 176 27.19 2.06 -12.10
CA ASN D 176 28.37 1.23 -12.35
C ASN D 176 29.24 1.91 -13.41
N LYS D 177 28.60 2.46 -14.44
CA LYS D 177 29.32 3.15 -15.52
C LYS D 177 30.10 4.30 -14.92
N PHE D 178 29.43 5.08 -14.06
CA PHE D 178 30.11 6.19 -13.42
C PHE D 178 31.27 5.65 -12.61
N SER D 179 30.99 4.68 -11.75
CA SER D 179 32.06 4.13 -10.92
C SER D 179 33.24 3.73 -11.80
N GLN D 180 32.95 3.07 -12.92
CA GLN D 180 34.02 2.64 -13.82
C GLN D 180 34.80 3.86 -14.31
N ILE D 181 34.13 4.75 -15.03
CA ILE D 181 34.75 5.95 -15.54
C ILE D 181 35.61 6.65 -14.48
N PHE D 182 34.95 7.10 -13.42
CA PHE D 182 35.64 7.82 -12.35
C PHE D 182 36.85 7.08 -11.82
N LEU D 183 36.65 5.82 -11.49
CA LEU D 183 37.74 5.01 -10.96
C LEU D 183 38.87 4.96 -11.97
N ASN D 184 38.52 4.70 -13.21
CA ASN D 184 39.50 4.62 -14.28
C ASN D 184 40.21 5.96 -14.44
N GLY D 185 39.47 7.04 -14.28
CA GLY D 185 40.05 8.37 -14.39
C GLY D 185 41.14 8.66 -13.38
N LEU D 186 41.38 7.73 -12.46
CA LEU D 186 42.43 7.89 -11.45
C LEU D 186 43.66 7.12 -11.98
N SER D 187 44.79 7.20 -11.29
CA SER D 187 45.99 6.51 -11.76
C SER D 187 46.78 5.88 -10.61
S SO4 E . -6.68 -26.44 20.89
O1 SO4 E . -5.30 -25.98 20.68
O2 SO4 E . -7.04 -27.38 19.80
O3 SO4 E . -6.77 -27.14 22.20
O4 SO4 E . -7.60 -25.29 20.89
S SO4 F . -2.70 26.10 -5.39
O1 SO4 F . -3.92 25.45 -4.88
O2 SO4 F . -2.09 25.26 -6.44
O3 SO4 F . -3.05 27.41 -5.97
O4 SO4 F . -1.72 26.28 -4.29
S SO4 G . 0.51 22.06 -4.50
O1 SO4 G . -0.40 21.12 -3.82
O2 SO4 G . 0.09 22.26 -5.91
O3 SO4 G . 0.49 23.35 -3.79
O4 SO4 G . 1.87 21.50 -4.48
S SO4 H . 27.05 30.51 0.92
O1 SO4 H . 26.74 31.76 1.63
O2 SO4 H . 27.62 29.52 1.87
O3 SO4 H . 25.83 29.95 0.31
O4 SO4 H . 28.04 30.79 -0.14
S SO4 I . 18.91 32.77 -1.12
O1 SO4 I . 18.23 32.25 -2.31
O2 SO4 I . 20.05 31.89 -0.76
O3 SO4 I . 19.41 34.13 -1.40
O4 SO4 I . 17.95 32.82 0.00
S SO4 J . 23.45 10.96 -31.31
O1 SO4 J . 22.93 12.27 -31.75
O2 SO4 J . 23.48 10.03 -32.45
O3 SO4 J . 22.58 10.42 -30.26
O4 SO4 J . 24.83 11.13 -30.78
S SO4 K . -2.48 -7.03 -2.89
O1 SO4 K . -3.14 -5.83 -2.33
O2 SO4 K . -1.02 -6.81 -2.95
O3 SO4 K . -2.77 -8.17 -2.01
O4 SO4 K . -2.99 -7.30 -4.24
S SO4 L . 7.14 -2.43 -5.89
O1 SO4 L . 6.12 -1.45 -6.26
O2 SO4 L . 8.28 -2.32 -6.83
O3 SO4 L . 6.58 -3.80 -5.93
O4 SO4 L . 7.62 -2.17 -4.52
S SO4 M . 0.96 7.11 1.79
O1 SO4 M . -0.43 7.56 1.58
O2 SO4 M . 1.86 8.28 1.81
O3 SO4 M . 1.34 6.20 0.69
O4 SO4 M . 1.05 6.39 3.08
S SO4 N . 13.58 -0.27 12.63
O1 SO4 N . 13.93 -0.91 13.91
O2 SO4 N . 14.82 0.20 11.96
O3 SO4 N . 12.91 -1.28 11.77
O4 SO4 N . 12.67 0.88 12.86
S SO4 O . -29.26 5.16 -8.48
O1 SO4 O . -30.21 4.09 -8.08
O2 SO4 O . -29.83 5.94 -9.60
O3 SO4 O . -29.03 6.06 -7.34
O4 SO4 O . -27.98 4.57 -8.91
S SO4 P . 7.40 4.69 0.19
O1 SO4 P . 8.02 5.44 1.31
O2 SO4 P . 8.40 4.45 -0.87
O3 SO4 P . 6.91 3.40 0.69
O4 SO4 P . 6.26 5.46 -0.37
C1 DEQ Q . -15.83 -12.88 6.00
C2 DEQ Q . -15.47 -14.21 6.39
C3 DEQ Q . -16.29 -14.93 7.31
C4 DEQ Q . -17.47 -14.31 7.83
C5 DEQ Q . -17.02 -12.20 6.50
C6 DEQ Q . -17.86 -12.95 7.45
C7 DEQ Q . -19.06 -12.37 8.00
C8 DEQ Q . -19.46 -11.05 7.62
C9 DEQ Q . -18.75 -10.22 6.72
N1 DEQ Q . -17.49 -10.74 6.12
C10 DEQ Q . -11.99 -13.22 -5.63
C11 DEQ Q . -12.09 -12.11 -4.63
N2 DEQ Q . -11.03 -10.89 -4.70
C12 DEQ Q . -10.01 -11.10 -5.88
C13 DEQ Q . -10.03 -12.20 -6.74
C14 DEQ Q . -10.96 -13.23 -6.65
C15 DEQ Q . -12.93 -14.31 -5.58
C16 DEQ Q . -13.98 -14.39 -4.61
C17 DEQ Q . -14.12 -13.35 -3.65
C18 DEQ Q . -13.19 -12.25 -3.67
C19 DEQ Q . -10.67 -9.62 -3.79
C20 DEQ Q . -11.62 -9.74 -2.60
C21 DEQ Q . -11.47 -8.63 -1.57
C22 DEQ Q . -12.47 -8.97 -0.52
C23 DEQ Q . -12.57 -8.05 0.68
C24 DEQ Q . -13.64 -8.71 1.55
C25 DEQ Q . -13.95 -7.99 2.83
C26 DEQ Q . -15.03 -8.74 3.61
C27 DEQ Q . -15.44 -9.98 4.41
C28 DEQ Q . -16.77 -9.71 5.16
C30 DEQ Q . -19.38 -8.81 6.49
C29 DEQ Q . -8.87 -10.11 -6.20
N4 DEQ Q . -19.94 -13.02 8.92
N3 DEQ Q . -10.69 -14.19 -7.70
S SO4 R . 1.28 23.04 13.03
O1 SO4 R . 0.55 23.64 14.17
O2 SO4 R . 0.76 21.69 12.76
O3 SO4 R . 1.13 23.85 11.81
O4 SO4 R . 2.71 22.99 13.39
S SO4 S . 8.87 24.12 16.42
O1 SO4 S . 8.15 24.96 17.39
O2 SO4 S . 10.28 23.96 16.83
O3 SO4 S . 8.21 22.81 16.35
O4 SO4 S . 8.81 24.74 15.08
S SO4 T . 15.10 6.78 11.98
O1 SO4 T . 14.79 7.04 13.39
O2 SO4 T . 16.12 5.71 11.88
O3 SO4 T . 13.87 6.34 11.28
O4 SO4 T . 15.62 8.01 11.34
S SO4 U . 6.79 2.32 16.32
O1 SO4 U . 7.23 3.65 16.81
O2 SO4 U . 5.66 2.51 15.38
O3 SO4 U . 7.91 1.68 15.62
O4 SO4 U . 6.35 1.51 17.47
S SO4 V . 45.62 9.68 5.31
O1 SO4 V . 44.83 9.31 6.50
O2 SO4 V . 46.92 9.01 5.37
O3 SO4 V . 44.92 9.27 4.08
O4 SO4 V . 45.81 11.15 5.30
#